data_3AF6
#
_entry.id   3AF6
#
_cell.length_a   86.438
_cell.length_b   86.438
_cell.length_c   237.501
_cell.angle_alpha   90.00
_cell.angle_beta   90.00
_cell.angle_gamma   90.00
#
_symmetry.space_group_name_H-M   'P 43 21 2'
#
loop_
_entity.id
_entity.type
_entity.pdbx_description
1 polymer 'Putative uncharacterized protein PH1404'
2 polymer "5'-R(*(SSU)P*(SSU)P*(SSU)P*(SSU)P*(SSU)P*(SSU))-3'"
3 non-polymer 'SULFATE ION'
4 non-polymer 'ZINC ION'
5 water water
#
loop_
_entity_poly.entity_id
_entity_poly.type
_entity_poly.pdbx_seq_one_letter_code
_entity_poly.pdbx_strand_id
1 'polypeptide(L)'
;MTFLIKRETQVDQILRDIRAVVNQMVPKEAKITEIEFEGPELVIYVKNPEAIMKDGELIKDLAKVLKKRISVRPDPEVLL
PPEEAEKLIFEIVPKEAEITNIAFDPSVGEVLIEAKKPGLVIGKNGETLRLITQKVKWAPKVVRTPPLQSQTIYSIRQIL
QTESKDRRKFLRQVGRNIYRKPEYKSRWIRITGLGGFREVGRSALLVQTDESFVLVDFGVNVAMLNDPYKAFPHFDAPEF
QYVLREGLLDAIIITHAHLDHCGMLPYLFRYNLFDGPIYTTPPTRDLMVLLQKDFIEIQQSNGQDPLYRPRDIKEVIKHT
ITLDYGEVRDISPDIRLTLHNAGHILGSAIVHLHIGNGLHNIAITGDFKFIPTRLLEPANAKFPRLETLVMESTYGGAND
IQMPREEAEKRLIEVIHNTIKRGGKVLIPAMAVGRAQEVMMVLEEYARIGGIEVPIYLDGMIWEATAIHTAYPEYLSRRL
REQIFKEGYNPFLSEIFHPVANSRERQDIIDSNEPAIIIASSGMLVGGPSVEYFKQLAPDPKNSIIFVSYQAEGTLGRQV
QSGIREIPMVGEEGRTEVIKVNMEVHTIDGFSGHADRRELMNYVAKVRPRPERIITVHGEPQKCLDLATSIHRKFGISTR
APNNLDTIRLR
;
A
2 'polyribonucleotide' (SSU)(SSU)(SSU)(SSU)(SSU)(SSU) B,C
#
loop_
_chem_comp.id
_chem_comp.type
_chem_comp.name
_chem_comp.formula
SO4 non-polymer 'SULFATE ION' 'O4 S -2'
SSU RNA linking URIDINE-5'-PHOSPHOROTHIOATE 'C9 H13 N2 O8 P S'
ZN non-polymer 'ZINC ION' 'Zn 2'
#
# COMPACT_ATOMS: atom_id res chain seq x y z
N THR A 9 -9.40 -29.32 -11.24
CA THR A 9 -10.43 -28.24 -11.20
C THR A 9 -11.77 -28.76 -11.67
N GLN A 10 -12.82 -27.98 -11.41
CA GLN A 10 -14.16 -28.32 -11.82
C GLN A 10 -14.94 -27.02 -11.94
N VAL A 11 -14.25 -26.00 -12.42
CA VAL A 11 -14.82 -24.67 -12.59
C VAL A 11 -15.92 -24.61 -13.64
N ASP A 12 -15.59 -24.93 -14.90
CA ASP A 12 -16.58 -24.87 -15.97
C ASP A 12 -17.76 -25.77 -15.67
N GLN A 13 -17.55 -26.70 -14.75
CA GLN A 13 -18.59 -27.61 -14.32
C GLN A 13 -19.51 -26.80 -13.42
N ILE A 14 -18.91 -25.83 -12.71
CA ILE A 14 -19.62 -24.93 -11.80
C ILE A 14 -20.29 -23.82 -12.61
N LEU A 15 -19.62 -23.38 -13.67
CA LEU A 15 -20.15 -22.33 -14.53
C LEU A 15 -21.39 -22.88 -15.23
N ARG A 16 -21.35 -24.18 -15.50
CA ARG A 16 -22.44 -24.87 -16.15
C ARG A 16 -23.71 -24.78 -15.30
N ASP A 17 -23.54 -24.50 -14.01
CA ASP A 17 -24.67 -24.37 -13.11
C ASP A 17 -24.96 -22.88 -12.90
N ILE A 18 -23.95 -22.05 -13.09
CA ILE A 18 -24.11 -20.61 -12.96
C ILE A 18 -24.90 -20.17 -14.19
N ARG A 19 -24.44 -20.63 -15.36
CA ARG A 19 -25.08 -20.31 -16.63
C ARG A 19 -26.51 -20.82 -16.67
N ALA A 20 -26.83 -21.79 -15.83
CA ALA A 20 -28.16 -22.35 -15.80
C ALA A 20 -29.11 -21.49 -14.97
N VAL A 21 -28.55 -20.64 -14.12
CA VAL A 21 -29.36 -19.76 -13.28
C VAL A 21 -29.33 -18.33 -13.78
N VAL A 22 -28.27 -17.98 -14.52
CA VAL A 22 -28.14 -16.64 -15.07
C VAL A 22 -29.07 -16.50 -16.28
N ASN A 23 -28.97 -17.45 -17.21
CA ASN A 23 -29.83 -17.46 -18.39
C ASN A 23 -31.22 -17.87 -17.95
N GLN A 24 -31.51 -17.66 -16.67
CA GLN A 24 -32.81 -18.01 -16.10
C GLN A 24 -33.37 -16.82 -15.33
N MET A 25 -32.63 -15.72 -15.33
CA MET A 25 -33.05 -14.52 -14.62
C MET A 25 -32.83 -13.27 -15.46
N VAL A 26 -32.62 -13.46 -16.76
CA VAL A 26 -32.39 -12.35 -17.67
C VAL A 26 -32.95 -12.69 -19.05
N PRO A 27 -33.60 -11.72 -19.71
CA PRO A 27 -34.19 -11.92 -21.05
C PRO A 27 -33.17 -12.38 -22.08
N LYS A 28 -33.54 -13.38 -22.88
CA LYS A 28 -32.65 -13.91 -23.91
C LYS A 28 -32.31 -12.82 -24.94
N GLU A 29 -33.01 -11.69 -24.85
CA GLU A 29 -32.76 -10.59 -25.76
C GLU A 29 -31.41 -9.95 -25.46
N ALA A 30 -30.85 -10.31 -24.31
CA ALA A 30 -29.54 -9.80 -23.91
C ALA A 30 -28.47 -10.56 -24.68
N LYS A 31 -28.89 -11.59 -25.39
CA LYS A 31 -28.00 -12.42 -26.20
C LYS A 31 -26.68 -12.69 -25.48
N ILE A 32 -26.75 -13.29 -24.30
CA ILE A 32 -25.56 -13.59 -23.52
C ILE A 32 -24.57 -14.40 -24.35
N THR A 33 -23.50 -13.73 -24.77
CA THR A 33 -22.47 -14.35 -25.60
C THR A 33 -21.53 -15.26 -24.80
N GLU A 34 -21.16 -14.84 -23.59
CA GLU A 34 -20.28 -15.64 -22.75
C GLU A 34 -20.34 -15.23 -21.29
N ILE A 35 -19.97 -16.18 -20.43
CA ILE A 35 -19.96 -15.96 -18.99
C ILE A 35 -18.73 -16.70 -18.46
N GLU A 36 -17.70 -15.93 -18.11
CA GLU A 36 -16.46 -16.49 -17.59
C GLU A 36 -16.09 -15.87 -16.26
N PHE A 37 -15.05 -16.41 -15.63
CA PHE A 37 -14.58 -15.88 -14.35
C PHE A 37 -13.35 -15.02 -14.59
N GLU A 38 -13.35 -13.81 -14.04
CA GLU A 38 -12.22 -12.90 -14.16
C GLU A 38 -11.79 -12.57 -12.75
N GLY A 39 -10.69 -13.18 -12.31
CA GLY A 39 -10.25 -12.94 -10.95
C GLY A 39 -11.44 -13.30 -10.09
N PRO A 40 -11.59 -12.70 -8.90
CA PRO A 40 -12.72 -13.00 -8.02
C PRO A 40 -14.10 -12.84 -8.66
N GLU A 41 -14.26 -11.83 -9.50
CA GLU A 41 -15.55 -11.55 -10.14
C GLU A 41 -15.97 -12.36 -11.36
N LEU A 42 -17.27 -12.46 -11.54
CA LEU A 42 -17.88 -13.19 -12.65
C LEU A 42 -18.24 -12.20 -13.75
N VAL A 43 -17.86 -12.52 -14.97
CA VAL A 43 -18.14 -11.64 -16.11
C VAL A 43 -19.17 -12.24 -17.06
N ILE A 44 -20.25 -11.50 -17.27
CA ILE A 44 -21.34 -11.91 -18.16
C ILE A 44 -21.45 -10.96 -19.35
N TYR A 45 -20.83 -11.34 -20.47
CA TYR A 45 -20.85 -10.53 -21.69
C TYR A 45 -22.19 -10.64 -22.43
N VAL A 46 -22.66 -9.50 -22.96
CA VAL A 46 -23.92 -9.46 -23.70
C VAL A 46 -23.81 -8.51 -24.89
N LYS A 47 -24.62 -8.77 -25.92
CA LYS A 47 -24.61 -7.95 -27.13
C LYS A 47 -25.79 -6.98 -27.19
N ASN A 48 -25.93 -6.16 -26.16
CA ASN A 48 -27.00 -5.17 -26.08
C ASN A 48 -27.00 -4.50 -24.71
N PRO A 49 -27.36 -3.21 -24.65
CA PRO A 49 -27.39 -2.46 -23.40
C PRO A 49 -28.51 -2.90 -22.45
N GLU A 50 -28.54 -2.28 -21.27
CA GLU A 50 -29.54 -2.57 -20.25
C GLU A 50 -29.84 -4.06 -20.10
N GLU A 57 -30.64 -3.02 -10.78
CA GLU A 57 -31.69 -3.64 -9.92
C GLU A 57 -31.78 -5.14 -10.11
N LEU A 58 -31.38 -5.63 -11.28
CA LEU A 58 -31.40 -7.05 -11.55
C LEU A 58 -30.08 -7.63 -11.06
N ILE A 59 -29.00 -6.96 -11.46
CA ILE A 59 -27.66 -7.37 -11.07
C ILE A 59 -27.59 -7.61 -9.56
N LYS A 60 -28.02 -6.63 -8.79
CA LYS A 60 -28.01 -6.71 -7.33
C LYS A 60 -28.64 -8.02 -6.85
N ASP A 61 -29.68 -8.47 -7.54
CA ASP A 61 -30.36 -9.71 -7.18
C ASP A 61 -29.57 -10.92 -7.66
N LEU A 62 -29.11 -10.86 -8.90
CA LEU A 62 -28.33 -11.94 -9.48
C LEU A 62 -27.12 -12.26 -8.62
N ALA A 63 -26.50 -11.20 -8.10
CA ALA A 63 -25.30 -11.34 -7.26
C ALA A 63 -25.59 -11.80 -5.83
N LYS A 64 -26.68 -11.31 -5.25
CA LYS A 64 -27.03 -11.70 -3.89
C LYS A 64 -27.40 -13.17 -3.84
N VAL A 65 -27.75 -13.73 -4.98
CA VAL A 65 -28.11 -15.14 -5.06
C VAL A 65 -26.88 -16.00 -5.33
N LEU A 66 -26.14 -15.66 -6.38
CA LEU A 66 -24.93 -16.38 -6.74
C LEU A 66 -23.80 -16.23 -5.72
N LYS A 67 -23.98 -15.31 -4.77
CA LYS A 67 -22.97 -15.06 -3.74
C LYS A 67 -21.66 -14.67 -4.40
N LYS A 68 -21.73 -13.81 -5.40
CA LYS A 68 -20.55 -13.36 -6.13
C LYS A 68 -20.64 -11.91 -6.58
N ARG A 69 -19.58 -11.45 -7.23
CA ARG A 69 -19.50 -10.09 -7.75
C ARG A 69 -19.59 -10.19 -9.27
N ILE A 70 -20.74 -9.81 -9.83
CA ILE A 70 -20.95 -9.90 -11.27
C ILE A 70 -20.79 -8.58 -12.02
N SER A 71 -20.05 -8.64 -13.11
CA SER A 71 -19.81 -7.47 -13.96
C SER A 71 -20.28 -7.81 -15.36
N VAL A 72 -21.32 -7.13 -15.80
CA VAL A 72 -21.87 -7.35 -17.14
C VAL A 72 -21.47 -6.22 -18.08
N ARG A 73 -20.84 -6.59 -19.19
CA ARG A 73 -20.37 -5.61 -20.15
C ARG A 73 -20.81 -6.04 -21.56
N PRO A 74 -20.65 -5.14 -22.55
CA PRO A 74 -21.03 -5.47 -23.93
C PRO A 74 -20.03 -6.47 -24.48
N ASP A 75 -20.43 -7.21 -25.52
CA ASP A 75 -19.51 -8.18 -26.11
C ASP A 75 -18.25 -7.46 -26.57
N PRO A 76 -17.07 -8.04 -26.30
CA PRO A 76 -15.78 -7.45 -26.70
C PRO A 76 -15.66 -7.28 -28.20
N GLU A 77 -16.69 -7.70 -28.93
CA GLU A 77 -16.74 -7.62 -30.37
C GLU A 77 -17.32 -6.27 -30.81
N VAL A 78 -18.37 -5.84 -30.12
CA VAL A 78 -19.02 -4.57 -30.42
C VAL A 78 -18.18 -3.42 -29.88
N LEU A 79 -16.85 -3.55 -30.01
CA LEU A 79 -15.92 -2.53 -29.53
C LEU A 79 -15.23 -1.80 -30.69
N LEU A 80 -14.68 -0.63 -30.40
CA LEU A 80 -13.98 0.18 -31.39
C LEU A 80 -12.53 0.40 -30.95
N PRO A 81 -11.58 0.37 -31.90
CA PRO A 81 -10.16 0.57 -31.58
C PRO A 81 -9.85 1.92 -30.92
N PRO A 82 -8.88 1.94 -29.98
CA PRO A 82 -8.47 3.14 -29.25
C PRO A 82 -7.90 4.26 -30.11
N GLU A 83 -7.78 4.00 -31.40
CA GLU A 83 -7.26 4.99 -32.34
C GLU A 83 -8.41 5.53 -33.19
N GLU A 84 -9.59 4.96 -32.98
CA GLU A 84 -10.79 5.36 -33.72
C GLU A 84 -11.86 5.84 -32.76
N ALA A 85 -11.94 5.18 -31.60
CA ALA A 85 -12.94 5.53 -30.59
C ALA A 85 -12.44 6.62 -29.66
N GLU A 86 -11.36 7.30 -30.03
CA GLU A 86 -10.82 8.38 -29.21
C GLU A 86 -11.36 9.73 -29.63
N LYS A 87 -11.24 10.05 -30.91
CA LYS A 87 -11.75 11.32 -31.43
C LYS A 87 -13.25 11.18 -31.71
N LEU A 88 -13.75 9.96 -31.59
CA LEU A 88 -15.16 9.68 -31.82
C LEU A 88 -15.92 10.05 -30.55
N ILE A 89 -15.21 10.05 -29.43
CA ILE A 89 -15.80 10.40 -28.15
C ILE A 89 -15.52 11.87 -27.82
N PHE A 90 -14.27 12.30 -28.03
CA PHE A 90 -13.87 13.68 -27.76
C PHE A 90 -14.88 14.66 -28.36
N GLU A 91 -15.64 14.18 -29.33
CA GLU A 91 -16.65 14.98 -30.01
C GLU A 91 -17.96 14.98 -29.22
N ILE A 92 -18.47 13.78 -28.93
CA ILE A 92 -19.72 13.62 -28.21
C ILE A 92 -19.61 13.99 -26.73
N VAL A 93 -18.89 15.07 -26.44
CA VAL A 93 -18.70 15.52 -25.07
C VAL A 93 -18.54 17.04 -25.00
N PRO A 94 -19.31 17.70 -24.12
CA PRO A 94 -19.23 19.17 -23.97
C PRO A 94 -17.77 19.57 -23.71
N LYS A 95 -17.05 19.85 -24.79
CA LYS A 95 -15.63 20.23 -24.76
C LYS A 95 -15.19 21.24 -23.70
N GLU A 96 -16.11 21.71 -22.87
CA GLU A 96 -15.77 22.67 -21.82
C GLU A 96 -14.98 21.99 -20.72
N ALA A 97 -15.52 20.89 -20.20
CA ALA A 97 -14.86 20.13 -19.14
C ALA A 97 -13.49 19.63 -19.61
N GLU A 98 -12.47 20.47 -19.46
CA GLU A 98 -11.11 20.16 -19.87
C GLU A 98 -10.73 18.69 -19.66
N ILE A 99 -10.78 17.91 -20.73
CA ILE A 99 -10.44 16.49 -20.67
C ILE A 99 -8.94 16.33 -20.93
N THR A 100 -8.15 16.43 -19.86
CA THR A 100 -6.70 16.31 -19.95
C THR A 100 -6.24 15.04 -20.66
N ASN A 101 -6.77 13.89 -20.25
CA ASN A 101 -6.40 12.61 -20.83
C ASN A 101 -7.62 11.78 -21.21
N ILE A 102 -7.38 10.52 -21.55
CA ILE A 102 -8.45 9.60 -21.94
C ILE A 102 -7.82 8.27 -22.35
N ALA A 103 -7.63 7.38 -21.36
CA ALA A 103 -7.01 6.09 -21.59
C ALA A 103 -7.99 5.04 -22.11
N PHE A 104 -7.52 3.80 -22.24
CA PHE A 104 -8.33 2.70 -22.74
C PHE A 104 -8.03 1.38 -22.04
N ASP A 105 -9.09 0.64 -21.73
CA ASP A 105 -8.96 -0.65 -21.08
C ASP A 105 -9.85 -1.67 -21.77
N PRO A 106 -9.33 -2.29 -22.84
CA PRO A 106 -10.06 -3.29 -23.63
C PRO A 106 -10.19 -4.63 -22.90
N SER A 107 -9.27 -4.90 -21.98
CA SER A 107 -9.29 -6.15 -21.22
C SER A 107 -10.52 -6.23 -20.34
N VAL A 108 -11.20 -5.09 -20.16
CA VAL A 108 -12.39 -5.04 -19.34
C VAL A 108 -13.42 -4.10 -19.97
N GLY A 109 -13.13 -3.66 -21.19
CA GLY A 109 -14.03 -2.75 -21.89
C GLY A 109 -14.44 -1.62 -20.97
N GLU A 110 -13.66 -0.54 -20.98
CA GLU A 110 -13.94 0.60 -20.12
C GLU A 110 -12.98 1.76 -20.40
N VAL A 111 -13.49 2.84 -20.99
CA VAL A 111 -12.68 4.01 -21.30
C VAL A 111 -12.69 5.02 -20.16
N LEU A 112 -11.51 5.49 -19.79
CA LEU A 112 -11.37 6.44 -18.70
C LEU A 112 -11.33 7.88 -19.23
N ILE A 113 -12.23 8.70 -18.70
CA ILE A 113 -12.32 10.11 -19.10
C ILE A 113 -11.78 11.00 -17.99
N GLU A 114 -10.47 11.22 -17.98
CA GLU A 114 -9.85 12.04 -16.96
C GLU A 114 -10.11 13.52 -17.25
N ALA A 115 -11.36 13.95 -17.02
CA ALA A 115 -11.75 15.33 -17.26
C ALA A 115 -11.51 16.17 -16.01
N LYS A 116 -11.28 17.46 -16.21
CA LYS A 116 -11.04 18.39 -15.11
C LYS A 116 -12.37 18.72 -14.43
N LYS A 117 -13.45 18.63 -15.21
CA LYS A 117 -14.79 18.90 -14.71
C LYS A 117 -15.65 17.67 -15.02
N PRO A 118 -15.76 16.75 -14.04
CA PRO A 118 -16.54 15.51 -14.20
C PRO A 118 -18.06 15.70 -14.31
N GLY A 119 -18.59 16.73 -13.68
CA GLY A 119 -20.02 16.97 -13.72
C GLY A 119 -20.60 17.31 -15.09
N LEU A 120 -19.78 17.89 -15.95
CA LEU A 120 -20.20 18.28 -17.29
C LEU A 120 -19.87 17.23 -18.34
N VAL A 121 -19.35 16.09 -17.91
CA VAL A 121 -18.99 15.02 -18.84
C VAL A 121 -19.79 13.74 -18.60
N ILE A 122 -20.33 13.59 -17.40
CA ILE A 122 -21.11 12.43 -17.04
C ILE A 122 -22.57 12.59 -17.46
N GLY A 123 -22.97 13.82 -17.69
CA GLY A 123 -24.34 14.12 -18.07
C GLY A 123 -25.04 14.91 -16.98
N LYS A 124 -25.24 16.20 -17.23
CA LYS A 124 -25.89 17.09 -16.27
C LYS A 124 -27.09 16.44 -15.57
N ASN A 125 -27.72 15.48 -16.23
CA ASN A 125 -28.87 14.79 -15.64
C ASN A 125 -28.71 13.27 -15.76
N GLY A 126 -27.46 12.82 -15.72
CA GLY A 126 -27.18 11.40 -15.81
C GLY A 126 -27.68 10.81 -17.11
N GLU A 127 -27.53 11.57 -18.20
CA GLU A 127 -27.97 11.10 -19.52
C GLU A 127 -26.77 10.92 -20.45
N THR A 128 -25.82 11.85 -20.38
CA THR A 128 -24.63 11.77 -21.22
C THR A 128 -23.77 10.61 -20.71
N LEU A 129 -24.38 9.78 -19.87
CA LEU A 129 -23.71 8.62 -19.29
C LEU A 129 -23.82 7.43 -20.24
N ARG A 130 -25.03 7.16 -20.72
CA ARG A 130 -25.29 6.06 -21.64
C ARG A 130 -25.27 6.51 -23.09
N LEU A 131 -25.56 7.78 -23.32
CA LEU A 131 -25.55 8.34 -24.67
C LEU A 131 -24.15 8.21 -25.27
N ILE A 132 -23.15 8.59 -24.49
CA ILE A 132 -21.76 8.56 -24.91
C ILE A 132 -21.18 7.15 -25.09
N THR A 133 -21.51 6.26 -24.16
CA THR A 133 -21.00 4.88 -24.21
C THR A 133 -21.34 4.19 -25.52
N GLN A 134 -22.54 4.45 -26.03
CA GLN A 134 -23.02 3.86 -27.27
C GLN A 134 -22.03 4.00 -28.43
N LYS A 135 -21.82 5.23 -28.88
CA LYS A 135 -20.92 5.52 -30.00
C LYS A 135 -19.66 4.67 -30.14
N VAL A 136 -19.21 4.06 -29.04
CA VAL A 136 -18.01 3.23 -29.08
C VAL A 136 -18.22 1.91 -28.34
N LYS A 137 -19.17 1.91 -27.42
CA LYS A 137 -19.51 0.74 -26.62
C LYS A 137 -18.44 0.43 -25.57
N TRP A 138 -17.95 1.48 -24.91
CA TRP A 138 -16.94 1.32 -23.87
C TRP A 138 -17.50 1.88 -22.55
N ALA A 139 -17.18 1.21 -21.45
CA ALA A 139 -17.64 1.63 -20.13
C ALA A 139 -17.14 3.03 -19.79
N PRO A 140 -18.04 4.02 -19.82
CA PRO A 140 -17.69 5.41 -19.50
C PRO A 140 -17.50 5.65 -18.01
N LYS A 141 -16.28 5.96 -17.61
CA LYS A 141 -15.96 6.23 -16.21
C LYS A 141 -15.28 7.59 -16.10
N VAL A 142 -15.89 8.51 -15.37
CA VAL A 142 -15.35 9.85 -15.21
C VAL A 142 -14.45 10.02 -13.99
N VAL A 143 -13.42 10.85 -14.16
CA VAL A 143 -12.46 11.14 -13.09
C VAL A 143 -12.11 12.63 -13.16
N ARG A 144 -11.46 13.14 -12.13
CA ARG A 144 -11.09 14.55 -12.08
C ARG A 144 -9.58 14.75 -12.15
N THR A 145 -9.12 15.23 -13.30
CA THR A 145 -7.70 15.48 -13.52
C THR A 145 -7.03 15.88 -12.20
N PRO A 146 -6.29 14.96 -11.58
CA PRO A 146 -5.61 15.25 -10.32
C PRO A 146 -4.64 16.42 -10.41
N PRO A 147 -4.46 17.15 -9.31
CA PRO A 147 -3.55 18.31 -9.25
C PRO A 147 -2.11 17.98 -9.62
N LEU A 148 -1.69 16.76 -9.33
CA LEU A 148 -0.33 16.34 -9.62
C LEU A 148 -0.35 15.17 -10.59
N GLN A 149 0.64 15.14 -11.46
CA GLN A 149 0.76 14.05 -12.43
C GLN A 149 1.79 13.07 -11.89
N SER A 150 1.50 11.79 -12.04
CA SER A 150 2.38 10.73 -11.55
C SER A 150 2.96 9.82 -12.63
N GLN A 151 4.28 9.81 -12.74
CA GLN A 151 4.95 8.96 -13.72
C GLN A 151 4.50 7.53 -13.45
N THR A 152 4.46 7.19 -12.16
CA THR A 152 4.07 5.87 -11.70
C THR A 152 2.70 5.43 -12.18
N ILE A 153 1.69 6.24 -11.96
CA ILE A 153 0.33 5.89 -12.37
C ILE A 153 0.24 5.76 -13.88
N TYR A 154 0.92 6.67 -14.58
CA TYR A 154 0.92 6.67 -16.03
C TYR A 154 1.58 5.40 -16.52
N SER A 155 2.70 5.04 -15.89
CA SER A 155 3.41 3.84 -16.29
C SER A 155 2.57 2.58 -16.11
N ILE A 156 1.93 2.44 -14.96
CA ILE A 156 1.09 1.30 -14.70
C ILE A 156 0.00 1.22 -15.78
N ARG A 157 -0.68 2.33 -16.00
CA ARG A 157 -1.75 2.40 -16.98
C ARG A 157 -1.22 1.97 -18.35
N GLN A 158 0.00 2.40 -18.65
CA GLN A 158 0.66 2.05 -19.91
C GLN A 158 0.87 0.55 -20.02
N ILE A 159 1.36 -0.05 -18.94
CA ILE A 159 1.62 -1.49 -18.89
C ILE A 159 0.34 -2.31 -19.00
N LEU A 160 -0.71 -1.86 -18.33
CA LEU A 160 -1.98 -2.56 -18.35
C LEU A 160 -2.68 -2.54 -19.70
N GLN A 161 -2.61 -1.42 -20.42
CA GLN A 161 -3.25 -1.32 -21.73
C GLN A 161 -2.44 -1.94 -22.86
N THR A 162 -1.12 -1.91 -22.74
CA THR A 162 -0.27 -2.50 -23.77
C THR A 162 0.06 -3.95 -23.47
N GLU A 163 -0.72 -4.55 -22.56
CA GLU A 163 -0.52 -5.94 -22.17
C GLU A 163 -1.87 -6.62 -21.99
N SER A 164 -2.92 -6.00 -22.52
CA SER A 164 -4.28 -6.53 -22.42
C SER A 164 -4.33 -8.04 -22.66
N LYS A 165 -3.57 -8.51 -23.63
CA LYS A 165 -3.54 -9.94 -23.94
C LYS A 165 -3.28 -10.77 -22.69
N ASP A 166 -2.07 -10.67 -22.15
CA ASP A 166 -1.70 -11.43 -20.96
C ASP A 166 -2.70 -11.27 -19.81
N ARG A 167 -2.95 -10.03 -19.39
CA ARG A 167 -3.86 -9.78 -18.29
C ARG A 167 -5.16 -10.57 -18.39
N ARG A 168 -5.67 -10.71 -19.61
CA ARG A 168 -6.90 -11.45 -19.84
C ARG A 168 -6.65 -12.93 -19.54
N LYS A 169 -5.54 -13.44 -20.05
CA LYS A 169 -5.17 -14.83 -19.83
C LYS A 169 -5.04 -15.08 -18.34
N PHE A 170 -4.28 -14.22 -17.68
CA PHE A 170 -4.02 -14.29 -16.25
C PHE A 170 -5.28 -14.30 -15.41
N LEU A 171 -6.21 -13.40 -15.72
CA LEU A 171 -7.44 -13.32 -14.95
C LEU A 171 -8.30 -14.57 -15.13
N ARG A 172 -8.38 -15.10 -16.35
CA ARG A 172 -9.19 -16.29 -16.55
C ARG A 172 -8.63 -17.46 -15.73
N GLN A 173 -7.30 -17.57 -15.67
CA GLN A 173 -6.67 -18.63 -14.90
C GLN A 173 -7.01 -18.48 -13.41
N VAL A 174 -6.70 -17.32 -12.84
CA VAL A 174 -7.00 -17.06 -11.43
C VAL A 174 -8.42 -17.52 -11.11
N GLY A 175 -9.37 -17.12 -11.95
CA GLY A 175 -10.76 -17.47 -11.75
C GLY A 175 -11.04 -18.95 -11.70
N ARG A 176 -10.47 -19.70 -12.64
CA ARG A 176 -10.68 -21.15 -12.69
C ARG A 176 -10.08 -21.77 -11.44
N ASN A 177 -9.08 -21.07 -10.90
CA ASN A 177 -8.41 -21.48 -9.67
C ASN A 177 -9.30 -21.21 -8.49
N ILE A 178 -9.69 -19.96 -8.32
CA ILE A 178 -10.54 -19.57 -7.20
C ILE A 178 -11.78 -20.47 -7.10
N TYR A 179 -12.25 -20.95 -8.25
CA TYR A 179 -13.44 -21.80 -8.26
C TYR A 179 -13.18 -23.24 -8.66
N ARG A 180 -11.99 -23.75 -8.32
CA ARG A 180 -11.62 -25.12 -8.62
C ARG A 180 -12.61 -26.06 -7.93
N LYS A 181 -13.49 -25.50 -7.11
CA LYS A 181 -14.51 -26.27 -6.41
C LYS A 181 -15.42 -25.31 -5.66
N PRO A 182 -16.59 -25.78 -5.22
CA PRO A 182 -17.56 -24.95 -4.50
C PRO A 182 -17.13 -24.61 -3.08
N GLU A 183 -17.80 -23.61 -2.47
CA GLU A 183 -17.48 -23.19 -1.10
C GLU A 183 -17.13 -24.41 -0.29
N TYR A 184 -15.99 -24.32 0.39
CA TYR A 184 -15.49 -25.44 1.16
C TYR A 184 -15.33 -25.15 2.65
N LYS A 185 -15.61 -26.16 3.48
CA LYS A 185 -15.47 -26.02 4.91
C LYS A 185 -14.17 -26.76 5.27
N SER A 186 -13.13 -25.99 5.53
CA SER A 186 -11.81 -26.50 5.87
C SER A 186 -11.73 -27.47 7.04
N ARG A 187 -10.83 -28.46 6.93
CA ARG A 187 -10.62 -29.45 7.98
C ARG A 187 -9.70 -28.87 9.05
N TRP A 188 -8.84 -27.94 8.66
CA TRP A 188 -7.92 -27.29 9.60
C TRP A 188 -7.40 -25.97 9.06
N ILE A 189 -6.79 -25.18 9.94
CA ILE A 189 -6.26 -23.87 9.58
C ILE A 189 -5.03 -23.60 10.42
N ARG A 190 -3.93 -23.20 9.80
CA ARG A 190 -2.70 -22.91 10.57
C ARG A 190 -2.01 -21.67 10.01
N ILE A 191 -1.31 -20.93 10.86
CA ILE A 191 -0.59 -19.78 10.35
C ILE A 191 0.88 -19.90 10.75
N THR A 192 1.75 -19.68 9.78
CA THR A 192 3.17 -19.78 10.02
C THR A 192 3.88 -18.48 9.75
N GLY A 193 4.74 -18.07 10.67
CA GLY A 193 5.48 -16.84 10.46
C GLY A 193 6.76 -17.11 9.67
N LEU A 194 6.87 -16.50 8.51
CA LEU A 194 8.06 -16.68 7.69
C LEU A 194 9.01 -15.51 7.94
N GLY A 195 8.51 -14.52 8.67
CA GLY A 195 9.28 -13.34 8.98
C GLY A 195 8.41 -12.24 9.56
N GLY A 196 8.94 -11.49 10.52
CA GLY A 196 8.15 -10.45 11.12
C GLY A 196 7.54 -10.89 12.44
N PHE A 197 7.90 -12.08 12.90
CA PHE A 197 7.40 -12.55 14.19
C PHE A 197 8.55 -12.28 15.13
N ARG A 198 8.25 -11.66 16.27
CA ARG A 198 9.27 -11.32 17.26
C ARG A 198 10.39 -10.46 16.70
N GLU A 199 10.07 -9.72 15.64
CA GLU A 199 11.05 -8.85 15.00
C GLU A 199 10.30 -7.83 14.16
N VAL A 200 10.97 -6.74 13.80
CA VAL A 200 10.38 -5.72 12.94
C VAL A 200 11.02 -6.04 11.58
N GLY A 201 10.26 -5.98 10.50
CA GLY A 201 10.88 -6.26 9.22
C GLY A 201 10.59 -7.62 8.59
N ARG A 202 10.70 -7.64 7.26
CA ARG A 202 10.47 -8.81 6.43
C ARG A 202 9.19 -9.57 6.79
N SER A 203 8.12 -8.83 7.12
CA SER A 203 6.83 -9.41 7.47
C SER A 203 6.42 -10.39 6.40
N ALA A 204 5.95 -11.56 6.82
CA ALA A 204 5.54 -12.59 5.89
C ALA A 204 4.83 -13.67 6.70
N LEU A 205 3.54 -13.82 6.46
CA LEU A 205 2.73 -14.78 7.20
C LEU A 205 1.99 -15.70 6.24
N LEU A 206 2.22 -16.99 6.42
CA LEU A 206 1.61 -18.01 5.56
C LEU A 206 0.39 -18.59 6.24
N VAL A 207 -0.75 -18.50 5.56
CA VAL A 207 -1.99 -19.05 6.10
C VAL A 207 -2.27 -20.35 5.38
N GLN A 208 -2.53 -21.42 6.14
CA GLN A 208 -2.79 -22.73 5.56
C GLN A 208 -4.11 -23.37 5.98
N THR A 209 -4.66 -24.15 5.05
CA THR A 209 -5.85 -24.96 5.26
C THR A 209 -5.56 -26.19 4.40
N ASP A 210 -6.33 -27.26 4.55
CA ASP A 210 -6.12 -28.44 3.74
C ASP A 210 -6.48 -28.16 2.28
N GLU A 211 -7.03 -26.99 2.01
CA GLU A 211 -7.43 -26.66 0.66
C GLU A 211 -6.68 -25.51 0.03
N SER A 212 -6.12 -24.63 0.85
CA SER A 212 -5.47 -23.47 0.27
C SER A 212 -4.26 -22.90 0.99
N PHE A 213 -3.66 -21.92 0.34
CA PHE A 213 -2.49 -21.23 0.86
C PHE A 213 -2.50 -19.78 0.39
N VAL A 214 -2.31 -18.88 1.33
CA VAL A 214 -2.24 -17.46 1.02
C VAL A 214 -1.10 -16.86 1.82
N LEU A 215 -0.40 -15.93 1.19
CA LEU A 215 0.71 -15.25 1.83
C LEU A 215 0.27 -13.85 2.18
N VAL A 216 0.39 -13.48 3.45
CA VAL A 216 0.04 -12.12 3.85
C VAL A 216 1.34 -11.38 4.04
N ASP A 217 1.60 -10.47 3.12
CA ASP A 217 2.82 -9.68 3.07
C ASP A 217 4.03 -10.54 2.73
N PHE A 218 5.07 -9.88 2.25
CA PHE A 218 6.32 -10.53 1.89
C PHE A 218 7.33 -9.41 1.80
N GLY A 219 7.82 -8.99 2.96
CA GLY A 219 8.76 -7.90 3.01
C GLY A 219 10.20 -8.34 3.05
N VAL A 220 11.05 -7.34 3.05
CA VAL A 220 12.48 -7.51 3.10
C VAL A 220 12.90 -6.60 4.25
N ASN A 221 14.11 -6.78 4.75
CA ASN A 221 14.59 -5.94 5.81
C ASN A 221 15.80 -5.21 5.24
N VAL A 222 15.59 -3.99 4.74
CA VAL A 222 16.71 -3.23 4.16
C VAL A 222 17.79 -2.98 5.20
N ALA A 223 17.38 -2.89 6.45
CA ALA A 223 18.33 -2.67 7.54
C ALA A 223 19.38 -3.76 7.58
N MET A 224 19.19 -4.83 6.83
CA MET A 224 20.15 -5.92 6.86
C MET A 224 20.32 -6.75 5.59
N LEU A 225 20.39 -6.08 4.44
CA LEU A 225 20.59 -6.78 3.17
C LEU A 225 21.96 -7.44 3.18
N ASN A 226 22.83 -6.96 4.07
CA ASN A 226 24.18 -7.51 4.22
C ASN A 226 24.14 -9.00 4.56
N ASP A 227 23.05 -9.43 5.18
CA ASP A 227 22.88 -10.84 5.56
C ASP A 227 21.53 -11.39 5.12
N PRO A 228 21.45 -11.95 3.91
CA PRO A 228 20.18 -12.50 3.41
C PRO A 228 19.44 -13.48 4.33
N TYR A 229 20.13 -14.08 5.29
CA TYR A 229 19.42 -14.99 6.19
C TYR A 229 18.63 -14.17 7.24
N LYS A 230 19.00 -12.91 7.41
CA LYS A 230 18.31 -12.04 8.35
C LYS A 230 17.45 -11.04 7.59
N ALA A 231 17.72 -10.88 6.29
CA ALA A 231 17.01 -9.93 5.46
C ALA A 231 15.80 -10.45 4.72
N PHE A 232 15.74 -11.75 4.49
CA PHE A 232 14.61 -12.31 3.75
C PHE A 232 13.71 -13.20 4.57
N PRO A 233 12.47 -13.36 4.11
CA PRO A 233 11.50 -14.23 4.79
C PRO A 233 12.11 -15.64 4.66
N HIS A 234 11.75 -16.55 5.55
CA HIS A 234 12.30 -17.89 5.50
C HIS A 234 11.91 -18.74 4.30
N PHE A 235 12.73 -18.68 3.27
CA PHE A 235 12.52 -19.49 2.06
C PHE A 235 12.88 -20.92 2.42
N ASP A 236 13.63 -21.05 3.52
CA ASP A 236 14.06 -22.35 3.99
C ASP A 236 13.04 -23.08 4.87
N ALA A 237 11.77 -22.70 4.78
CA ALA A 237 10.74 -23.39 5.55
C ALA A 237 10.19 -24.51 4.65
N PRO A 238 10.24 -25.77 5.10
CA PRO A 238 9.74 -26.89 4.30
C PRO A 238 8.37 -26.65 3.68
N GLU A 239 7.43 -26.19 4.51
CA GLU A 239 6.07 -25.93 4.07
C GLU A 239 6.00 -24.87 2.97
N PHE A 240 6.80 -23.81 3.11
CA PHE A 240 6.82 -22.74 2.12
C PHE A 240 7.47 -23.23 0.83
N GLN A 241 8.59 -23.94 0.91
CA GLN A 241 9.23 -24.48 -0.29
C GLN A 241 8.21 -25.40 -0.98
N TYR A 242 7.49 -26.17 -0.18
CA TYR A 242 6.50 -27.08 -0.75
C TYR A 242 5.37 -26.34 -1.45
N VAL A 243 4.98 -25.17 -0.93
CA VAL A 243 3.91 -24.42 -1.55
C VAL A 243 4.39 -23.77 -2.86
N LEU A 244 5.63 -23.27 -2.85
CA LEU A 244 6.17 -22.64 -4.05
C LEU A 244 6.42 -23.64 -5.17
N ARG A 245 7.25 -24.64 -4.91
CA ARG A 245 7.58 -25.66 -5.92
C ARG A 245 6.39 -26.38 -6.52
N GLU A 246 5.35 -26.62 -5.73
CA GLU A 246 4.18 -27.32 -6.26
C GLU A 246 3.19 -26.33 -6.89
N GLY A 247 3.50 -25.04 -6.79
CA GLY A 247 2.59 -24.04 -7.35
C GLY A 247 1.24 -24.04 -6.65
N LEU A 248 1.26 -24.13 -5.32
CA LEU A 248 0.02 -24.15 -4.54
C LEU A 248 -0.37 -22.82 -3.86
N LEU A 249 0.36 -21.75 -4.13
CA LEU A 249 0.05 -20.47 -3.52
C LEU A 249 -1.13 -19.80 -4.23
N ASP A 250 -2.29 -19.83 -3.58
CA ASP A 250 -3.51 -19.24 -4.13
C ASP A 250 -3.39 -17.75 -4.31
N ALA A 251 -2.75 -17.09 -3.35
CA ALA A 251 -2.64 -15.64 -3.43
C ALA A 251 -1.71 -15.01 -2.42
N ILE A 252 -1.31 -13.78 -2.73
CA ILE A 252 -0.47 -12.98 -1.85
C ILE A 252 -1.29 -11.72 -1.56
N ILE A 253 -1.27 -11.23 -0.33
CA ILE A 253 -2.01 -10.03 0.01
C ILE A 253 -1.03 -9.06 0.64
N ILE A 254 -1.13 -7.78 0.32
CA ILE A 254 -0.23 -6.80 0.90
C ILE A 254 -0.97 -5.77 1.74
N THR A 255 -0.59 -5.64 3.02
CA THR A 255 -1.22 -4.67 3.93
C THR A 255 -0.94 -3.23 3.51
N HIS A 256 0.32 -2.94 3.19
CA HIS A 256 0.69 -1.60 2.74
C HIS A 256 1.99 -1.55 1.97
N ALA A 257 2.23 -0.43 1.31
CA ALA A 257 3.38 -0.26 0.44
C ALA A 257 4.83 -0.33 0.92
N HIS A 258 5.10 -0.11 2.21
CA HIS A 258 6.49 -0.13 2.65
C HIS A 258 7.24 -1.42 2.29
N LEU A 259 8.55 -1.27 2.08
CA LEU A 259 9.41 -2.39 1.70
C LEU A 259 9.43 -3.56 2.69
N ASP A 260 9.18 -3.27 3.96
CA ASP A 260 9.18 -4.31 4.96
C ASP A 260 7.85 -5.08 4.98
N HIS A 261 7.06 -4.94 3.92
CA HIS A 261 5.80 -5.68 3.82
C HIS A 261 5.57 -6.17 2.38
N CYS A 262 6.20 -5.51 1.41
CA CYS A 262 6.05 -5.92 0.02
C CYS A 262 7.39 -5.91 -0.73
N GLY A 263 8.46 -5.60 -0.02
CA GLY A 263 9.78 -5.52 -0.62
C GLY A 263 10.35 -6.71 -1.38
N MET A 264 10.06 -7.93 -0.91
CA MET A 264 10.57 -9.12 -1.59
C MET A 264 9.60 -9.66 -2.63
N LEU A 265 8.42 -9.08 -2.72
CA LEU A 265 7.42 -9.53 -3.66
C LEU A 265 7.93 -9.71 -5.10
N PRO A 266 8.62 -8.71 -5.67
CA PRO A 266 9.09 -8.91 -7.04
C PRO A 266 10.20 -9.97 -7.18
N TYR A 267 10.95 -10.21 -6.11
CA TYR A 267 12.00 -11.21 -6.09
C TYR A 267 11.40 -12.55 -6.53
N LEU A 268 10.15 -12.75 -6.16
CA LEU A 268 9.43 -13.98 -6.45
C LEU A 268 9.30 -14.26 -7.95
N PHE A 269 9.14 -13.20 -8.74
CA PHE A 269 8.99 -13.34 -10.18
C PHE A 269 10.35 -13.47 -10.85
N ARG A 270 11.35 -12.78 -10.31
CA ARG A 270 12.69 -12.85 -10.86
C ARG A 270 13.11 -14.31 -11.02
N TYR A 271 12.71 -15.14 -10.05
CA TYR A 271 13.03 -16.57 -10.07
C TYR A 271 11.88 -17.49 -10.47
N ASN A 272 10.81 -16.93 -11.00
CA ASN A 272 9.66 -17.74 -11.41
C ASN A 272 9.12 -18.63 -10.30
N LEU A 273 9.04 -18.11 -9.08
CA LEU A 273 8.55 -18.89 -7.97
C LEU A 273 7.04 -18.75 -7.79
N PHE A 274 6.42 -17.88 -8.57
CA PHE A 274 4.99 -17.66 -8.42
C PHE A 274 4.40 -16.84 -9.54
N ASP A 275 3.17 -17.15 -9.94
CA ASP A 275 2.50 -16.35 -10.95
C ASP A 275 1.00 -16.35 -10.72
N GLY A 276 0.63 -16.22 -9.45
CA GLY A 276 -0.77 -16.18 -9.07
C GLY A 276 -1.12 -14.72 -8.82
N PRO A 277 -2.29 -14.44 -8.23
CA PRO A 277 -2.73 -13.06 -7.94
C PRO A 277 -2.19 -12.39 -6.69
N ILE A 278 -2.02 -11.07 -6.76
CA ILE A 278 -1.58 -10.30 -5.59
C ILE A 278 -2.71 -9.31 -5.31
N TYR A 279 -3.35 -9.43 -4.16
CA TYR A 279 -4.45 -8.52 -3.82
C TYR A 279 -3.97 -7.39 -2.93
N THR A 280 -4.43 -6.18 -3.21
CA THR A 280 -4.06 -5.02 -2.41
C THR A 280 -4.94 -3.80 -2.79
N THR A 281 -4.92 -2.73 -1.99
CA THR A 281 -5.72 -1.54 -2.35
C THR A 281 -4.98 -0.85 -3.48
N PRO A 282 -5.73 -0.17 -4.39
CA PRO A 282 -5.08 0.52 -5.52
C PRO A 282 -3.90 1.38 -5.11
N PRO A 283 -4.08 2.25 -4.10
CA PRO A 283 -2.96 3.10 -3.67
C PRO A 283 -1.71 2.29 -3.27
N THR A 284 -1.91 1.13 -2.66
CA THR A 284 -0.77 0.31 -2.26
C THR A 284 -0.08 -0.26 -3.51
N ARG A 285 -0.86 -0.65 -4.51
CA ARG A 285 -0.26 -1.16 -5.73
C ARG A 285 0.66 -0.08 -6.33
N ASP A 286 0.13 1.14 -6.46
CA ASP A 286 0.89 2.24 -7.03
C ASP A 286 2.07 2.63 -6.14
N LEU A 287 1.84 2.71 -4.84
CA LEU A 287 2.89 3.08 -3.92
C LEU A 287 4.03 2.06 -3.81
N MET A 288 3.70 0.77 -3.75
CA MET A 288 4.74 -0.24 -3.62
C MET A 288 5.60 -0.28 -4.88
N VAL A 289 4.95 -0.16 -6.03
CA VAL A 289 5.67 -0.16 -7.31
C VAL A 289 6.67 0.97 -7.27
N LEU A 290 6.27 2.09 -6.68
CA LEU A 290 7.18 3.21 -6.60
C LEU A 290 8.38 2.89 -5.70
N LEU A 291 8.09 2.43 -4.49
CA LEU A 291 9.14 2.12 -3.53
C LEU A 291 10.09 1.04 -4.00
N GLN A 292 9.59 0.12 -4.82
CA GLN A 292 10.41 -0.96 -5.35
C GLN A 292 11.41 -0.45 -6.40
N LYS A 293 10.96 0.44 -7.28
CA LYS A 293 11.85 0.99 -8.29
C LYS A 293 12.87 1.85 -7.56
N ASP A 294 12.38 2.60 -6.58
CA ASP A 294 13.23 3.46 -5.80
C ASP A 294 14.30 2.61 -5.10
N PHE A 295 13.90 1.42 -4.65
CA PHE A 295 14.78 0.49 -3.95
C PHE A 295 15.92 -0.08 -4.79
N ILE A 296 15.61 -0.61 -5.97
CA ILE A 296 16.67 -1.16 -6.80
C ILE A 296 17.60 -0.08 -7.32
N GLU A 297 17.04 1.11 -7.57
CA GLU A 297 17.86 2.22 -8.03
C GLU A 297 18.83 2.71 -6.95
N ILE A 298 18.38 2.78 -5.70
CA ILE A 298 19.28 3.23 -4.65
C ILE A 298 20.44 2.23 -4.51
N GLN A 299 20.15 0.95 -4.65
CA GLN A 299 21.16 -0.09 -4.56
C GLN A 299 22.21 0.09 -5.65
N GLN A 300 21.75 0.31 -6.89
CA GLN A 300 22.65 0.49 -8.01
C GLN A 300 23.48 1.77 -7.85
N SER A 301 22.85 2.84 -7.40
CA SER A 301 23.57 4.10 -7.22
C SER A 301 24.67 3.86 -6.20
N ASN A 302 24.55 2.76 -5.46
CA ASN A 302 25.53 2.39 -4.45
C ASN A 302 26.53 1.36 -4.99
N GLY A 303 26.45 1.09 -6.28
CA GLY A 303 27.35 0.13 -6.89
C GLY A 303 27.11 -1.30 -6.46
N GLN A 304 25.90 -1.59 -5.99
CA GLN A 304 25.55 -2.93 -5.55
C GLN A 304 24.62 -3.60 -6.54
N ASP A 305 24.70 -4.93 -6.61
CA ASP A 305 23.83 -5.65 -7.53
C ASP A 305 22.44 -5.60 -6.92
N PRO A 306 21.44 -5.18 -7.71
CA PRO A 306 20.05 -5.07 -7.22
C PRO A 306 19.38 -6.42 -6.97
N LEU A 307 18.44 -6.46 -6.03
CA LEU A 307 17.72 -7.69 -5.71
C LEU A 307 16.85 -8.13 -6.86
N TYR A 308 16.43 -7.18 -7.68
CA TYR A 308 15.60 -7.51 -8.83
C TYR A 308 15.60 -6.33 -9.78
N ARG A 309 14.83 -6.43 -10.85
CA ARG A 309 14.80 -5.39 -11.87
C ARG A 309 13.38 -4.95 -12.24
N PRO A 310 13.29 -3.88 -13.04
CA PRO A 310 12.02 -3.30 -13.52
C PRO A 310 11.09 -4.33 -14.16
N ARG A 311 11.63 -5.29 -14.90
CA ARG A 311 10.76 -6.29 -15.54
C ARG A 311 10.03 -7.11 -14.48
N ASP A 312 10.69 -7.29 -13.34
CA ASP A 312 10.11 -8.04 -12.23
C ASP A 312 8.99 -7.23 -11.59
N ILE A 313 9.25 -5.93 -11.42
CA ILE A 313 8.26 -5.04 -10.86
C ILE A 313 7.11 -4.95 -11.86
N LYS A 314 7.44 -5.03 -13.15
CA LYS A 314 6.43 -4.98 -14.20
C LYS A 314 5.54 -6.19 -14.03
N GLU A 315 6.11 -7.29 -13.57
CA GLU A 315 5.35 -8.52 -13.33
C GLU A 315 4.38 -8.35 -12.16
N VAL A 316 4.85 -7.68 -11.10
CA VAL A 316 4.03 -7.44 -9.92
C VAL A 316 2.75 -6.76 -10.39
N ILE A 317 2.94 -5.70 -11.17
CA ILE A 317 1.82 -4.94 -11.71
C ILE A 317 0.87 -5.85 -12.49
N LYS A 318 1.43 -6.61 -13.42
CA LYS A 318 0.64 -7.49 -14.24
C LYS A 318 -0.11 -8.57 -13.48
N HIS A 319 0.32 -8.84 -12.24
CA HIS A 319 -0.32 -9.87 -11.42
C HIS A 319 -1.20 -9.33 -10.29
N THR A 320 -1.18 -8.02 -10.08
CA THR A 320 -1.96 -7.41 -9.01
C THR A 320 -3.44 -7.21 -9.32
N ILE A 321 -4.29 -7.61 -8.39
CA ILE A 321 -5.73 -7.43 -8.57
C ILE A 321 -6.15 -6.53 -7.41
N THR A 322 -6.42 -5.26 -7.71
CA THR A 322 -6.79 -4.31 -6.66
C THR A 322 -8.18 -4.51 -6.08
N LEU A 323 -8.34 -4.05 -4.85
CA LEU A 323 -9.59 -4.18 -4.13
C LEU A 323 -9.71 -2.96 -3.23
N ASP A 324 -10.88 -2.34 -3.19
CA ASP A 324 -11.08 -1.19 -2.30
C ASP A 324 -11.55 -1.70 -0.94
N TYR A 325 -11.46 -0.84 0.08
CA TYR A 325 -11.91 -1.26 1.42
C TYR A 325 -13.35 -1.80 1.35
N GLY A 326 -13.68 -2.68 2.27
CA GLY A 326 -15.03 -3.22 2.34
C GLY A 326 -15.50 -4.15 1.24
N GLU A 327 -14.71 -4.35 0.19
CA GLU A 327 -15.15 -5.24 -0.89
C GLU A 327 -14.79 -6.72 -0.67
N VAL A 328 -15.79 -7.48 -0.26
CA VAL A 328 -15.64 -8.92 0.00
C VAL A 328 -15.45 -9.72 -1.29
N ARG A 329 -14.38 -10.48 -1.39
CA ARG A 329 -14.16 -11.29 -2.59
C ARG A 329 -13.61 -12.68 -2.30
N ASP A 330 -14.15 -13.68 -2.99
CA ASP A 330 -13.68 -15.06 -2.84
C ASP A 330 -12.31 -15.15 -3.54
N ILE A 331 -11.28 -15.55 -2.79
CA ILE A 331 -9.97 -15.68 -3.42
C ILE A 331 -9.50 -17.13 -3.48
N SER A 332 -10.32 -18.02 -2.95
CA SER A 332 -10.03 -19.46 -2.94
C SER A 332 -11.30 -20.19 -2.51
N PRO A 333 -11.36 -21.51 -2.75
CA PRO A 333 -12.55 -22.27 -2.37
C PRO A 333 -12.98 -22.11 -0.91
N ASP A 334 -12.03 -21.84 -0.02
CA ASP A 334 -12.39 -21.71 1.40
C ASP A 334 -11.88 -20.46 2.10
N ILE A 335 -11.53 -19.42 1.34
CA ILE A 335 -11.05 -18.18 1.94
C ILE A 335 -11.67 -16.97 1.27
N ARG A 336 -12.25 -16.08 2.06
CA ARG A 336 -12.86 -14.87 1.52
C ARG A 336 -12.15 -13.65 2.10
N LEU A 337 -11.73 -12.76 1.23
CA LEU A 337 -11.00 -11.57 1.61
C LEU A 337 -11.77 -10.26 1.63
N THR A 338 -11.43 -9.44 2.60
CA THR A 338 -12.01 -8.11 2.74
C THR A 338 -10.88 -7.30 3.35
N LEU A 339 -10.64 -6.11 2.81
CA LEU A 339 -9.60 -5.23 3.33
C LEU A 339 -10.29 -4.06 4.03
N HIS A 340 -9.69 -3.59 5.12
CA HIS A 340 -10.23 -2.48 5.88
C HIS A 340 -9.13 -1.46 6.15
N ASN A 341 -9.52 -0.24 6.46
CA ASN A 341 -8.53 0.78 6.73
C ASN A 341 -7.70 0.55 7.99
N ALA A 342 -6.38 0.72 7.87
CA ALA A 342 -5.48 0.54 8.99
C ALA A 342 -4.95 1.88 9.50
N GLY A 343 -5.29 2.95 8.77
CA GLY A 343 -4.87 4.30 9.13
C GLY A 343 -3.37 4.51 9.25
N HIS A 344 -2.59 3.65 8.60
CA HIS A 344 -1.13 3.76 8.69
C HIS A 344 -0.54 4.66 7.61
N ILE A 345 -0.86 4.40 6.35
CA ILE A 345 -0.42 5.24 5.23
C ILE A 345 -1.45 5.09 4.14
N LEU A 346 -1.41 5.99 3.17
CA LEU A 346 -2.33 5.95 2.06
C LEU A 346 -2.46 4.50 1.58
N GLY A 347 -3.69 3.99 1.56
CA GLY A 347 -3.92 2.63 1.10
C GLY A 347 -3.72 1.51 2.12
N SER A 348 -3.12 1.80 3.27
CA SER A 348 -2.88 0.76 4.27
C SER A 348 -4.15 0.01 4.67
N ALA A 349 -4.04 -1.31 4.74
CA ALA A 349 -5.19 -2.13 5.07
C ALA A 349 -4.98 -3.19 6.13
N ILE A 350 -6.05 -3.46 6.88
CA ILE A 350 -6.03 -4.53 7.86
C ILE A 350 -6.62 -5.62 6.97
N VAL A 351 -6.01 -6.79 6.96
CA VAL A 351 -6.49 -7.88 6.14
C VAL A 351 -7.39 -8.82 6.93
N HIS A 352 -8.60 -9.06 6.43
CA HIS A 352 -9.55 -9.92 7.11
C HIS A 352 -9.83 -11.17 6.29
N LEU A 353 -9.61 -12.32 6.90
CA LEU A 353 -9.85 -13.57 6.19
C LEU A 353 -10.99 -14.36 6.80
N HIS A 354 -12.01 -14.55 5.98
CA HIS A 354 -13.18 -15.31 6.36
C HIS A 354 -12.90 -16.70 5.78
N ILE A 355 -12.53 -17.65 6.65
CA ILE A 355 -12.19 -19.01 6.21
C ILE A 355 -13.33 -20.00 6.44
N GLY A 356 -13.59 -20.83 5.42
CA GLY A 356 -14.68 -21.78 5.50
C GLY A 356 -15.90 -20.89 5.34
N ASN A 357 -17.10 -21.41 5.57
CA ASN A 357 -18.25 -20.52 5.46
C ASN A 357 -18.75 -20.26 6.88
N GLY A 358 -17.91 -19.63 7.68
CA GLY A 358 -18.26 -19.33 9.05
C GLY A 358 -17.43 -20.16 10.02
N LEU A 359 -16.46 -20.88 9.47
CA LEU A 359 -15.60 -21.73 10.28
C LEU A 359 -14.68 -20.94 11.22
N HIS A 360 -13.93 -19.99 10.66
CA HIS A 360 -13.00 -19.20 11.47
C HIS A 360 -12.65 -17.90 10.76
N ASN A 361 -12.38 -16.85 11.54
CA ASN A 361 -12.03 -15.57 10.94
C ASN A 361 -10.78 -14.97 11.55
N ILE A 362 -9.85 -14.59 10.67
CA ILE A 362 -8.60 -13.99 11.09
C ILE A 362 -8.54 -12.55 10.60
N ALA A 363 -7.96 -11.68 11.42
CA ALA A 363 -7.78 -10.29 11.05
C ALA A 363 -6.30 -9.99 11.30
N ILE A 364 -5.59 -9.64 10.23
CA ILE A 364 -4.18 -9.33 10.31
C ILE A 364 -4.08 -7.82 10.16
N THR A 365 -3.54 -7.22 11.20
CA THR A 365 -3.40 -5.79 11.30
C THR A 365 -2.39 -5.04 10.43
N GLY A 366 -1.24 -5.65 10.14
CA GLY A 366 -0.23 -4.94 9.38
C GLY A 366 0.16 -3.81 10.32
N ASP A 367 0.54 -2.65 9.78
CA ASP A 367 0.86 -1.55 10.67
C ASP A 367 -0.39 -0.71 10.73
N PHE A 368 -0.73 -0.23 11.93
CA PHE A 368 -1.92 0.59 12.08
C PHE A 368 -1.79 1.67 13.13
N LYS A 369 -2.66 2.66 13.00
CA LYS A 369 -2.69 3.79 13.92
C LYS A 369 -4.14 3.84 14.42
N PHE A 370 -4.35 4.05 15.72
CA PHE A 370 -5.74 4.06 16.21
C PHE A 370 -6.24 5.39 16.78
N ILE A 371 -5.79 6.49 16.18
CA ILE A 371 -6.22 7.84 16.52
C ILE A 371 -6.12 8.57 15.19
N PRO A 372 -6.76 9.75 15.07
CA PRO A 372 -6.68 10.46 13.80
C PRO A 372 -5.31 11.07 13.53
N THR A 373 -5.06 11.37 12.27
CA THR A 373 -3.81 12.02 11.84
C THR A 373 -4.23 12.93 10.71
N ARG A 374 -3.31 13.77 10.26
CA ARG A 374 -3.60 14.70 9.18
C ARG A 374 -4.12 14.02 7.92
N LEU A 375 -3.52 12.90 7.57
CA LEU A 375 -3.90 12.18 6.37
C LEU A 375 -4.94 11.07 6.50
N LEU A 376 -5.03 10.45 7.66
CA LEU A 376 -5.94 9.32 7.80
C LEU A 376 -6.83 9.21 9.03
N GLU A 377 -7.77 8.29 8.96
CA GLU A 377 -8.70 8.02 10.05
C GLU A 377 -8.26 6.76 10.78
N PRO A 378 -8.52 6.69 12.09
CA PRO A 378 -8.11 5.51 12.85
C PRO A 378 -8.55 4.22 12.19
N ALA A 379 -7.77 3.16 12.39
CA ALA A 379 -8.03 1.85 11.82
C ALA A 379 -9.42 1.30 12.16
N ASN A 380 -9.97 0.54 11.22
CA ASN A 380 -11.26 -0.09 11.40
C ASN A 380 -11.14 -1.03 12.59
N ALA A 381 -12.13 -1.01 13.47
CA ALA A 381 -12.11 -1.87 14.65
C ALA A 381 -13.35 -2.73 14.71
N LYS A 382 -14.11 -2.75 13.61
CA LYS A 382 -15.32 -3.53 13.57
C LYS A 382 -15.33 -4.49 12.39
N PHE A 383 -15.62 -5.75 12.67
CA PHE A 383 -15.63 -6.78 11.64
C PHE A 383 -16.89 -7.63 11.84
N PRO A 384 -17.38 -8.26 10.77
CA PRO A 384 -18.58 -9.08 10.95
C PRO A 384 -18.36 -10.23 11.92
N ARG A 385 -17.17 -10.83 11.84
CA ARG A 385 -16.79 -11.93 12.71
C ARG A 385 -15.30 -11.81 12.95
N LEU A 386 -14.83 -12.31 14.10
CA LEU A 386 -13.42 -12.22 14.40
C LEU A 386 -12.97 -13.11 15.53
N GLU A 387 -12.46 -14.30 15.21
CA GLU A 387 -11.98 -15.21 16.24
C GLU A 387 -10.51 -14.98 16.57
N THR A 388 -9.69 -14.75 15.54
CA THR A 388 -8.25 -14.53 15.74
C THR A 388 -7.71 -13.19 15.21
N LEU A 389 -7.01 -12.46 16.07
CA LEU A 389 -6.43 -11.19 15.68
C LEU A 389 -4.90 -11.20 15.74
N VAL A 390 -4.26 -10.93 14.60
CA VAL A 390 -2.80 -10.88 14.55
C VAL A 390 -2.53 -9.38 14.49
N MET A 391 -1.83 -8.84 15.47
CA MET A 391 -1.58 -7.40 15.51
C MET A 391 -0.11 -7.02 15.65
N GLU A 392 0.25 -5.82 15.19
CA GLU A 392 1.62 -5.35 15.29
C GLU A 392 1.99 -4.94 16.73
N SER A 393 3.28 -4.83 17.01
CA SER A 393 3.74 -4.47 18.35
C SER A 393 4.92 -3.50 18.35
N THR A 394 5.08 -2.73 17.28
CA THR A 394 6.19 -1.79 17.21
C THR A 394 6.38 -1.01 18.51
N TYR A 395 5.28 -0.59 19.13
CA TYR A 395 5.38 0.15 20.38
C TYR A 395 4.66 -0.64 21.47
N GLY A 396 4.80 -1.97 21.40
CA GLY A 396 4.16 -2.85 22.36
C GLY A 396 4.68 -2.78 23.78
N GLY A 397 5.81 -2.11 23.98
CA GLY A 397 6.38 -1.97 25.31
C GLY A 397 5.43 -1.23 26.24
N ALA A 398 5.57 -1.46 27.54
CA ALA A 398 4.72 -0.82 28.54
C ALA A 398 4.98 0.69 28.65
N ASN A 399 6.20 1.10 28.33
CA ASN A 399 6.52 2.52 28.41
C ASN A 399 6.60 3.16 27.03
N ASP A 400 6.15 2.45 26.00
CA ASP A 400 6.22 2.99 24.65
C ASP A 400 5.06 3.91 24.33
N ILE A 401 4.98 5.01 25.07
CA ILE A 401 3.95 6.02 24.84
C ILE A 401 4.58 7.10 23.97
N GLN A 402 3.97 7.37 22.82
CA GLN A 402 4.48 8.41 21.94
C GLN A 402 4.04 9.75 22.46
N MET A 403 4.80 10.76 22.10
CA MET A 403 4.56 12.14 22.48
C MET A 403 3.25 12.63 21.83
N PRO A 404 2.41 13.38 22.58
CA PRO A 404 1.15 13.88 22.04
C PRO A 404 1.41 14.65 20.73
N ARG A 405 0.56 14.41 19.73
CA ARG A 405 0.70 15.04 18.42
C ARG A 405 0.95 16.54 18.42
N GLU A 406 0.29 17.25 19.33
CA GLU A 406 0.46 18.69 19.36
C GLU A 406 1.73 19.13 20.05
N GLU A 407 2.18 18.35 21.03
CA GLU A 407 3.41 18.68 21.74
C GLU A 407 4.58 18.44 20.77
N ALA A 408 4.44 17.42 19.95
CA ALA A 408 5.46 17.09 18.97
C ALA A 408 5.50 18.19 17.93
N GLU A 409 4.32 18.52 17.41
CA GLU A 409 4.18 19.56 16.40
C GLU A 409 4.88 20.82 16.90
N LYS A 410 4.62 21.17 18.14
CA LYS A 410 5.23 22.36 18.72
C LYS A 410 6.74 22.23 18.86
N ARG A 411 7.21 21.02 19.12
CA ARG A 411 8.64 20.79 19.28
C ARG A 411 9.32 20.89 17.91
N LEU A 412 8.65 20.42 16.88
CA LEU A 412 9.18 20.47 15.53
C LEU A 412 9.39 21.91 15.06
N ILE A 413 8.44 22.78 15.35
CA ILE A 413 8.52 24.18 14.98
C ILE A 413 9.59 24.86 15.81
N GLU A 414 9.70 24.41 17.06
CA GLU A 414 10.66 24.94 18.00
C GLU A 414 12.08 24.70 17.49
N VAL A 415 12.44 23.43 17.32
CA VAL A 415 13.76 23.05 16.84
C VAL A 415 14.16 23.77 15.54
N ILE A 416 13.20 23.92 14.62
CA ILE A 416 13.47 24.59 13.37
C ILE A 416 13.89 26.04 13.61
N HIS A 417 13.17 26.74 14.47
CA HIS A 417 13.49 28.13 14.77
C HIS A 417 14.87 28.29 15.39
N ASN A 418 15.17 27.46 16.39
CA ASN A 418 16.47 27.50 17.06
C ASN A 418 17.59 27.04 16.14
N THR A 419 17.22 26.57 14.95
CA THR A 419 18.19 26.09 13.96
C THR A 419 18.36 27.13 12.87
N ILE A 420 17.24 27.61 12.33
CA ILE A 420 17.29 28.62 11.28
C ILE A 420 17.98 29.86 11.84
N LYS A 421 17.65 30.17 13.09
CA LYS A 421 18.21 31.32 13.78
C LYS A 421 19.74 31.28 13.78
N ARG A 422 20.32 30.19 14.28
CA ARG A 422 21.77 30.07 14.31
C ARG A 422 22.35 29.79 12.93
N GLY A 423 21.55 30.10 11.90
CA GLY A 423 21.97 29.90 10.53
C GLY A 423 22.35 28.48 10.21
N GLY A 424 21.35 27.61 10.08
CA GLY A 424 21.61 26.22 9.77
C GLY A 424 20.53 25.60 8.92
N LYS A 425 20.54 24.28 8.85
CA LYS A 425 19.54 23.56 8.06
C LYS A 425 18.97 22.42 8.90
N VAL A 426 17.74 22.04 8.59
CA VAL A 426 17.11 20.97 9.32
C VAL A 426 16.89 19.80 8.39
N LEU A 427 17.49 18.67 8.73
CA LEU A 427 17.34 17.47 7.92
C LEU A 427 16.29 16.56 8.53
N ILE A 428 15.27 16.25 7.74
CA ILE A 428 14.22 15.37 8.21
C ILE A 428 14.14 14.14 7.33
N PRO A 429 14.77 13.04 7.78
CA PRO A 429 14.73 11.82 6.97
C PRO A 429 13.37 11.17 7.12
N ALA A 430 12.83 10.65 6.02
CA ALA A 430 11.52 10.01 6.01
C ALA A 430 11.30 9.24 4.71
N MET A 431 10.60 8.12 4.79
CA MET A 431 10.34 7.34 3.57
C MET A 431 9.44 8.17 2.65
N ALA A 432 9.65 8.01 1.35
CA ALA A 432 8.87 8.73 0.35
C ALA A 432 7.39 8.71 0.67
N VAL A 433 6.94 7.61 1.28
CA VAL A 433 5.54 7.44 1.66
C VAL A 433 5.44 7.29 3.18
N GLY A 434 4.40 7.88 3.77
CA GLY A 434 4.25 7.80 5.22
C GLY A 434 4.52 9.12 5.92
N ARG A 435 5.51 9.13 6.82
CA ARG A 435 5.84 10.32 7.58
C ARG A 435 6.03 11.57 6.73
N ALA A 436 6.65 11.43 5.55
CA ALA A 436 6.89 12.58 4.69
C ALA A 436 5.66 13.45 4.51
N GLN A 437 4.58 12.88 3.97
CA GLN A 437 3.36 13.64 3.75
C GLN A 437 2.72 14.15 5.04
N GLU A 438 2.86 13.39 6.12
CA GLU A 438 2.29 13.80 7.39
C GLU A 438 2.98 15.03 7.93
N VAL A 439 4.31 15.01 7.90
CA VAL A 439 5.08 16.15 8.37
C VAL A 439 4.85 17.31 7.40
N MET A 440 4.64 16.98 6.14
CA MET A 440 4.38 18.04 5.16
C MET A 440 3.14 18.81 5.60
N MET A 441 2.04 18.10 5.84
CA MET A 441 0.81 18.73 6.27
C MET A 441 1.06 19.61 7.48
N VAL A 442 1.72 19.07 8.49
CA VAL A 442 2.01 19.86 9.67
C VAL A 442 2.64 21.20 9.29
N LEU A 443 3.63 21.18 8.41
CA LEU A 443 4.28 22.45 8.02
C LEU A 443 3.44 23.31 7.08
N GLU A 444 2.54 22.67 6.33
CA GLU A 444 1.68 23.38 5.38
C GLU A 444 0.56 24.16 6.08
N GLU A 445 0.07 23.65 7.20
CA GLU A 445 -0.97 24.37 7.93
C GLU A 445 -0.27 25.44 8.71
N TYR A 446 0.96 25.17 9.11
CA TYR A 446 1.75 26.12 9.85
C TYR A 446 2.21 27.21 8.92
N ALA A 447 2.25 26.90 7.63
CA ALA A 447 2.68 27.86 6.62
C ALA A 447 1.62 28.93 6.40
N ARG A 448 0.37 28.51 6.26
CA ARG A 448 -0.77 29.39 6.03
C ARG A 448 -1.04 30.41 7.14
N ILE A 449 -0.29 30.35 8.23
CA ILE A 449 -0.50 31.31 9.31
C ILE A 449 0.78 32.10 9.58
N GLY A 450 1.69 32.06 8.62
CA GLY A 450 2.93 32.80 8.75
C GLY A 450 3.94 32.21 9.72
N GLY A 451 4.65 31.18 9.26
CA GLY A 451 5.66 30.54 10.08
C GLY A 451 6.75 29.91 9.24
N ILE A 452 6.42 29.63 7.98
CA ILE A 452 7.37 29.01 7.06
C ILE A 452 8.20 30.05 6.31
N GLU A 453 9.29 30.47 6.93
CA GLU A 453 10.19 31.45 6.31
C GLU A 453 11.09 30.76 5.28
N VAL A 454 12.08 30.01 5.76
CA VAL A 454 13.00 29.29 4.88
C VAL A 454 12.23 28.30 4.01
N PRO A 455 12.81 27.88 2.87
CA PRO A 455 12.18 26.94 1.95
C PRO A 455 12.23 25.48 2.43
N ILE A 456 11.36 24.65 1.87
CA ILE A 456 11.34 23.24 2.25
C ILE A 456 11.56 22.36 1.01
N TYR A 457 12.69 21.67 1.00
CA TYR A 457 13.05 20.79 -0.11
C TYR A 457 12.61 19.35 0.11
N LEU A 458 12.04 18.75 -0.94
CA LEU A 458 11.58 17.38 -0.90
C LEU A 458 12.47 16.54 -1.82
N ASP A 459 13.25 15.64 -1.25
CA ASP A 459 14.16 14.83 -2.05
C ASP A 459 14.02 13.32 -1.89
N GLY A 460 13.98 12.60 -3.00
CA GLY A 460 13.91 11.15 -2.92
C GLY A 460 12.61 10.49 -3.32
N MET A 461 11.95 11.01 -4.34
CA MET A 461 10.68 10.44 -4.77
C MET A 461 9.53 10.75 -3.81
N ILE A 462 9.77 11.65 -2.87
CA ILE A 462 8.76 12.08 -1.93
C ILE A 462 7.68 12.84 -2.70
N TRP A 463 8.10 13.62 -3.69
CA TRP A 463 7.16 14.38 -4.49
C TRP A 463 6.35 13.44 -5.38
N GLU A 464 7.01 12.47 -5.97
CA GLU A 464 6.33 11.49 -6.81
C GLU A 464 5.27 10.81 -5.96
N ALA A 465 5.63 10.45 -4.73
CA ALA A 465 4.69 9.80 -3.82
C ALA A 465 3.53 10.74 -3.48
N THR A 466 3.84 12.02 -3.29
CA THR A 466 2.81 12.98 -2.97
C THR A 466 1.82 13.08 -4.12
N ALA A 467 2.27 12.85 -5.34
CA ALA A 467 1.37 12.93 -6.48
C ALA A 467 0.32 11.83 -6.36
N ILE A 468 0.77 10.64 -6.01
CA ILE A 468 -0.12 9.50 -5.90
C ILE A 468 -1.21 9.75 -4.85
N HIS A 469 -0.86 10.44 -3.78
CA HIS A 469 -1.84 10.76 -2.75
C HIS A 469 -3.01 11.54 -3.36
N THR A 470 -2.68 12.60 -4.10
CA THR A 470 -3.70 13.44 -4.72
C THR A 470 -4.53 12.74 -5.78
N ALA A 471 -4.14 11.53 -6.18
CA ALA A 471 -4.89 10.78 -7.17
C ALA A 471 -5.90 9.88 -6.47
N TYR A 472 -5.77 9.77 -5.15
CA TYR A 472 -6.66 8.92 -4.36
C TYR A 472 -7.31 9.64 -3.16
N PRO A 473 -8.10 10.69 -3.42
CA PRO A 473 -8.75 11.41 -2.32
C PRO A 473 -9.60 10.52 -1.43
N GLU A 474 -10.31 9.57 -2.03
CA GLU A 474 -11.15 8.68 -1.24
C GLU A 474 -10.40 7.86 -0.19
N TYR A 475 -9.08 7.77 -0.32
CA TYR A 475 -8.29 7.01 0.64
C TYR A 475 -7.75 7.86 1.78
N LEU A 476 -7.98 9.16 1.69
CA LEU A 476 -7.55 10.07 2.74
C LEU A 476 -8.74 10.31 3.67
N SER A 477 -8.50 11.02 4.76
CA SER A 477 -9.56 11.33 5.69
C SER A 477 -10.61 12.17 4.97
N ARG A 478 -11.86 12.06 5.41
CA ARG A 478 -12.97 12.80 4.84
C ARG A 478 -12.68 14.29 4.71
N ARG A 479 -12.02 14.86 5.71
CA ARG A 479 -11.70 16.29 5.67
C ARG A 479 -10.75 16.60 4.53
N LEU A 480 -9.55 16.04 4.62
CA LEU A 480 -8.53 16.24 3.60
C LEU A 480 -9.07 15.86 2.22
N ARG A 481 -10.01 14.92 2.18
CA ARG A 481 -10.58 14.48 0.91
C ARG A 481 -11.37 15.55 0.19
N GLU A 482 -12.42 16.04 0.87
CA GLU A 482 -13.28 17.07 0.31
C GLU A 482 -12.42 18.30 -0.02
N GLN A 483 -11.47 18.58 0.87
CA GLN A 483 -10.57 19.71 0.71
C GLN A 483 -9.73 19.53 -0.56
N ILE A 484 -9.89 18.40 -1.23
CA ILE A 484 -9.15 18.12 -2.46
C ILE A 484 -10.00 18.40 -3.68
N PHE A 485 -10.74 17.40 -4.15
CA PHE A 485 -11.54 17.57 -5.35
C PHE A 485 -12.63 18.63 -5.27
N LYS A 486 -13.47 18.60 -4.24
CA LYS A 486 -14.54 19.59 -4.12
C LYS A 486 -14.07 21.02 -4.34
N GLU A 487 -12.91 21.38 -3.78
CA GLU A 487 -12.36 22.72 -3.95
C GLU A 487 -11.21 22.70 -4.94
N GLY A 488 -10.76 23.88 -5.32
CA GLY A 488 -9.64 23.99 -6.24
C GLY A 488 -8.39 24.07 -5.38
N TYR A 489 -8.57 23.80 -4.09
CA TYR A 489 -7.47 23.84 -3.14
C TYR A 489 -6.77 22.50 -2.97
N ASN A 490 -5.53 22.55 -2.50
CA ASN A 490 -4.74 21.34 -2.30
C ASN A 490 -3.46 21.70 -1.53
N PRO A 491 -3.36 21.26 -0.27
CA PRO A 491 -2.19 21.55 0.56
C PRO A 491 -0.87 20.96 0.04
N PHE A 492 -0.97 19.96 -0.84
CA PHE A 492 0.21 19.33 -1.41
C PHE A 492 0.80 20.21 -2.51
N LEU A 493 -0.08 20.97 -3.17
CA LEU A 493 0.34 21.87 -4.23
C LEU A 493 1.03 23.12 -3.68
N SER A 494 0.84 23.37 -2.39
CA SER A 494 1.42 24.53 -1.73
C SER A 494 2.77 24.92 -2.33
N GLU A 495 2.86 26.18 -2.76
CA GLU A 495 4.08 26.69 -3.37
C GLU A 495 5.23 26.83 -2.37
N ILE A 496 5.13 26.16 -1.24
CA ILE A 496 6.17 26.23 -0.21
C ILE A 496 7.15 25.06 -0.31
N PHE A 497 6.74 24.01 -1.02
CA PHE A 497 7.60 22.84 -1.19
C PHE A 497 8.32 22.94 -2.52
N HIS A 498 9.64 22.76 -2.47
CA HIS A 498 10.47 22.80 -3.68
C HIS A 498 11.05 21.42 -3.91
N PRO A 499 10.51 20.68 -4.89
CA PRO A 499 11.01 19.34 -5.19
C PRO A 499 12.42 19.44 -5.73
N VAL A 500 13.38 18.76 -5.08
CA VAL A 500 14.77 18.78 -5.54
C VAL A 500 14.84 18.03 -6.87
N ALA A 501 15.03 18.79 -7.95
CA ALA A 501 15.07 18.27 -9.31
C ALA A 501 16.17 17.28 -9.72
N ASN A 502 17.39 17.45 -9.23
CA ASN A 502 18.47 16.54 -9.61
C ASN A 502 19.70 16.61 -8.71
N SER A 503 20.64 15.69 -8.98
CA SER A 503 21.89 15.57 -8.24
C SER A 503 22.57 16.91 -8.00
N ARG A 504 22.60 17.73 -9.05
CA ARG A 504 23.22 19.04 -8.99
C ARG A 504 22.56 19.95 -7.96
N GLU A 505 21.26 20.19 -8.15
CA GLU A 505 20.50 21.06 -7.25
C GLU A 505 20.71 20.66 -5.79
N ARG A 506 20.86 19.35 -5.56
CA ARG A 506 21.08 18.84 -4.23
C ARG A 506 22.41 19.34 -3.69
N GLN A 507 23.43 19.27 -4.53
CA GLN A 507 24.76 19.71 -4.15
C GLN A 507 24.72 21.20 -3.79
N ASP A 508 24.05 21.99 -4.63
CA ASP A 508 23.93 23.42 -4.39
C ASP A 508 23.39 23.65 -2.97
N ILE A 509 22.19 23.12 -2.73
CA ILE A 509 21.52 23.26 -1.43
C ILE A 509 22.48 23.01 -0.26
N ILE A 510 23.26 21.94 -0.35
CA ILE A 510 24.21 21.59 0.70
C ILE A 510 25.26 22.68 0.84
N ASP A 511 25.82 23.11 -0.30
CA ASP A 511 26.85 24.14 -0.31
C ASP A 511 26.32 25.51 0.08
N SER A 512 25.11 25.84 -0.40
CA SER A 512 24.50 27.13 -0.09
C SER A 512 24.54 27.46 1.40
N ASN A 513 24.22 28.70 1.74
CA ASN A 513 24.22 29.14 3.12
C ASN A 513 22.84 29.59 3.56
N GLU A 514 21.88 29.47 2.66
CA GLU A 514 20.50 29.83 2.96
C GLU A 514 19.90 28.70 3.78
N PRO A 515 19.53 28.97 5.04
CA PRO A 515 18.95 27.91 5.86
C PRO A 515 17.75 27.34 5.13
N ALA A 516 17.44 26.08 5.40
CA ALA A 516 16.30 25.44 4.74
C ALA A 516 15.94 24.14 5.43
N ILE A 517 14.74 23.66 5.12
CA ILE A 517 14.27 22.40 5.68
C ILE A 517 14.39 21.36 4.57
N ILE A 518 15.05 20.25 4.89
CA ILE A 518 15.24 19.17 3.93
C ILE A 518 14.57 17.89 4.40
N ILE A 519 13.62 17.41 3.61
CA ILE A 519 12.94 16.17 3.93
C ILE A 519 13.29 15.22 2.80
N ALA A 520 13.88 14.07 3.15
CA ALA A 520 14.30 13.12 2.13
C ALA A 520 14.39 11.67 2.60
N SER A 521 14.17 10.77 1.66
CA SER A 521 14.23 9.34 1.92
C SER A 521 15.71 8.91 1.79
N SER A 522 16.10 7.80 2.41
CA SER A 522 15.23 6.95 3.23
C SER A 522 15.00 7.50 4.63
N GLY A 523 13.90 7.05 5.25
CA GLY A 523 13.54 7.49 6.57
C GLY A 523 14.45 7.08 7.71
N MET A 524 15.31 6.10 7.47
CA MET A 524 16.22 5.63 8.51
C MET A 524 17.68 5.79 8.10
N LEU A 525 17.94 6.68 7.14
CA LEU A 525 19.30 6.90 6.67
C LEU A 525 19.89 5.60 6.17
N VAL A 526 19.03 4.68 5.75
CA VAL A 526 19.45 3.38 5.24
C VAL A 526 19.88 3.48 3.78
N GLY A 527 19.63 4.64 3.17
CA GLY A 527 20.01 4.84 1.79
C GLY A 527 19.24 5.96 1.11
N GLY A 528 19.68 6.35 -0.08
CA GLY A 528 19.01 7.41 -0.81
C GLY A 528 19.54 8.80 -0.47
N PRO A 529 18.88 9.86 -0.98
CA PRO A 529 19.26 11.26 -0.76
C PRO A 529 19.55 11.63 0.68
N SER A 530 18.78 11.06 1.61
CA SER A 530 18.96 11.37 3.03
C SER A 530 20.37 11.13 3.56
N VAL A 531 21.04 10.10 3.05
CA VAL A 531 22.39 9.78 3.52
C VAL A 531 23.43 10.82 3.10
N GLU A 532 23.29 11.38 1.90
CA GLU A 532 24.25 12.37 1.44
C GLU A 532 24.16 13.60 2.31
N TYR A 533 22.94 14.10 2.53
CA TYR A 533 22.72 15.26 3.37
C TYR A 533 23.34 14.98 4.73
N PHE A 534 22.99 13.83 5.31
CA PHE A 534 23.52 13.45 6.61
C PHE A 534 25.04 13.62 6.66
N LYS A 535 25.73 12.84 5.82
CA LYS A 535 27.19 12.88 5.74
C LYS A 535 27.71 14.30 5.70
N GLN A 536 27.15 15.11 4.80
CA GLN A 536 27.61 16.48 4.65
C GLN A 536 27.20 17.48 5.70
N LEU A 537 26.16 17.20 6.49
CA LEU A 537 25.75 18.15 7.51
C LEU A 537 26.28 17.79 8.89
N ALA A 538 26.45 16.49 9.14
CA ALA A 538 26.91 15.98 10.42
C ALA A 538 27.93 16.83 11.19
N PRO A 539 29.04 17.20 10.54
CA PRO A 539 30.07 18.00 11.20
C PRO A 539 29.63 19.34 11.79
N ASP A 540 28.90 20.13 11.01
CA ASP A 540 28.44 21.45 11.46
C ASP A 540 27.32 21.42 12.51
N PRO A 541 27.58 21.99 13.69
CA PRO A 541 26.58 22.03 14.77
C PRO A 541 25.47 23.08 14.57
N LYS A 542 25.51 23.76 13.44
CA LYS A 542 24.48 24.74 13.13
C LYS A 542 23.24 23.98 12.65
N ASN A 543 23.49 22.90 11.91
CA ASN A 543 22.44 22.06 11.35
C ASN A 543 21.80 21.14 12.39
N SER A 544 20.62 20.64 12.04
CA SER A 544 19.89 19.74 12.92
C SER A 544 19.29 18.56 12.17
N ILE A 545 19.20 17.43 12.85
CA ILE A 545 18.60 16.25 12.27
C ILE A 545 17.46 15.83 13.20
N ILE A 546 16.29 15.57 12.63
CA ILE A 546 15.12 15.18 13.41
C ILE A 546 14.54 13.85 12.94
N PHE A 547 14.54 12.86 13.82
CA PHE A 547 13.97 11.56 13.46
C PHE A 547 12.49 11.61 13.83
N VAL A 548 11.64 11.29 12.85
CA VAL A 548 10.20 11.31 13.05
C VAL A 548 9.59 9.95 12.73
N SER A 549 10.45 8.93 12.79
CA SER A 549 10.00 7.58 12.52
C SER A 549 10.84 6.59 13.29
N TYR A 550 10.29 5.39 13.43
CA TYR A 550 10.95 4.30 14.14
C TYR A 550 12.27 4.00 13.44
N GLN A 551 13.36 3.99 14.19
CA GLN A 551 14.66 3.67 13.62
C GLN A 551 14.92 2.20 13.99
N ALA A 552 14.96 1.34 12.98
CA ALA A 552 15.16 -0.08 13.22
C ALA A 552 16.59 -0.49 13.57
N GLU A 553 16.71 -1.57 14.32
CA GLU A 553 18.01 -2.09 14.73
C GLU A 553 18.84 -2.45 13.50
N GLY A 554 20.05 -1.89 13.42
CA GLY A 554 20.92 -2.18 12.30
C GLY A 554 21.00 -1.05 11.27
N THR A 555 20.29 0.04 11.53
CA THR A 555 20.27 1.19 10.61
C THR A 555 21.26 2.27 11.04
N LEU A 556 21.73 3.06 10.08
CA LEU A 556 22.63 4.17 10.37
C LEU A 556 21.82 5.17 11.21
N GLY A 557 20.50 5.12 11.02
CA GLY A 557 19.61 6.01 11.73
C GLY A 557 19.57 5.80 13.24
N ARG A 558 19.31 4.56 13.68
CA ARG A 558 19.28 4.29 15.11
C ARG A 558 20.65 4.60 15.70
N GLN A 559 21.68 4.30 14.93
CA GLN A 559 23.06 4.53 15.35
C GLN A 559 23.26 6.01 15.67
N VAL A 560 22.86 6.88 14.75
CA VAL A 560 22.96 8.33 14.95
C VAL A 560 22.04 8.78 16.08
N GLN A 561 20.80 8.28 16.03
CA GLN A 561 19.77 8.59 17.01
C GLN A 561 20.18 8.17 18.42
N SER A 562 21.10 7.22 18.50
CA SER A 562 21.54 6.72 19.80
C SER A 562 22.63 7.54 20.47
N GLY A 563 23.20 8.48 19.72
CA GLY A 563 24.24 9.31 20.29
C GLY A 563 25.63 9.11 19.72
N ILE A 564 25.86 7.99 19.03
CA ILE A 564 27.18 7.73 18.45
C ILE A 564 27.63 8.99 17.72
N ARG A 565 28.84 9.45 18.01
CA ARG A 565 29.35 10.67 17.39
C ARG A 565 30.42 10.51 16.33
N GLU A 566 30.90 9.28 16.14
CA GLU A 566 31.89 8.99 15.11
C GLU A 566 31.48 7.69 14.45
N ILE A 567 30.76 7.82 13.34
CA ILE A 567 30.26 6.66 12.63
C ILE A 567 31.09 6.21 11.44
N PRO A 568 31.61 4.97 11.50
CA PRO A 568 32.41 4.43 10.41
C PRO A 568 31.47 4.06 9.29
N MET A 569 31.82 4.47 8.07
CA MET A 569 31.00 4.13 6.92
C MET A 569 31.92 3.70 5.79
N VAL A 570 31.62 2.55 5.21
CA VAL A 570 32.41 2.02 4.12
C VAL A 570 31.96 2.66 2.80
N GLY A 571 32.92 3.21 2.06
CA GLY A 571 32.60 3.83 0.79
C GLY A 571 33.13 3.06 -0.41
N GLU A 572 33.62 3.77 -1.42
CA GLU A 572 34.15 3.12 -2.61
C GLU A 572 35.54 2.53 -2.39
N GLU A 573 35.96 1.69 -3.33
CA GLU A 573 37.24 1.02 -3.29
C GLU A 573 37.54 0.52 -1.88
N GLY A 574 36.49 -0.01 -1.25
CA GLY A 574 36.60 -0.58 0.08
C GLY A 574 37.15 0.22 1.24
N ARG A 575 37.45 1.50 1.06
CA ARG A 575 37.97 2.27 2.19
C ARG A 575 36.84 2.88 3.02
N THR A 576 36.91 2.72 4.34
CA THR A 576 35.88 3.25 5.23
C THR A 576 36.04 4.74 5.50
N GLU A 577 34.93 5.38 5.84
CA GLU A 577 34.90 6.80 6.13
C GLU A 577 34.35 6.96 7.55
N VAL A 578 34.84 7.97 8.26
CA VAL A 578 34.37 8.21 9.62
C VAL A 578 33.67 9.57 9.68
N ILE A 579 32.34 9.55 9.62
CA ILE A 579 31.58 10.79 9.67
C ILE A 579 31.55 11.30 11.11
N LYS A 580 31.93 12.56 11.29
CA LYS A 580 31.94 13.18 12.60
C LYS A 580 30.58 13.83 12.84
N VAL A 581 29.79 13.26 13.75
CA VAL A 581 28.45 13.79 14.04
C VAL A 581 28.48 14.88 15.12
N ASN A 582 28.29 16.13 14.68
CA ASN A 582 28.28 17.25 15.61
C ASN A 582 26.91 17.93 15.60
N MET A 583 26.27 17.94 14.43
CA MET A 583 24.95 18.55 14.25
C MET A 583 24.05 18.05 15.38
N GLU A 584 22.98 18.78 15.66
CA GLU A 584 22.05 18.38 16.72
C GLU A 584 21.18 17.20 16.33
N VAL A 585 21.00 16.28 17.27
CA VAL A 585 20.19 15.08 17.04
C VAL A 585 18.89 15.13 17.87
N HIS A 586 17.75 15.25 17.20
CA HIS A 586 16.45 15.31 17.87
C HIS A 586 15.54 14.18 17.43
N THR A 587 14.71 13.69 18.36
CA THR A 587 13.77 12.63 18.04
C THR A 587 12.36 13.08 18.42
N ILE A 588 11.49 13.19 17.42
CA ILE A 588 10.11 13.59 17.64
C ILE A 588 9.27 12.43 17.12
N ASP A 589 8.75 11.60 18.02
CA ASP A 589 7.95 10.45 17.60
C ASP A 589 6.45 10.72 17.55
N GLY A 590 6.06 11.96 17.83
CA GLY A 590 4.64 12.29 17.82
C GLY A 590 3.95 12.32 16.46
N PHE A 591 4.68 12.05 15.38
CA PHE A 591 4.05 12.04 14.06
C PHE A 591 3.96 10.60 13.57
N SER A 592 4.39 9.68 14.42
CA SER A 592 4.40 8.26 14.12
C SER A 592 3.15 7.76 13.43
N GLY A 593 3.34 6.77 12.55
CA GLY A 593 2.21 6.19 11.86
C GLY A 593 1.84 4.88 12.57
N HIS A 594 2.48 4.64 13.72
CA HIS A 594 2.23 3.43 14.53
C HIS A 594 1.42 3.72 15.78
N ALA A 595 0.48 2.82 16.11
CA ALA A 595 -0.27 3.00 17.34
C ALA A 595 0.75 2.84 18.46
N ASP A 596 0.69 3.70 19.47
CA ASP A 596 1.65 3.57 20.56
C ASP A 596 1.09 2.56 21.58
N ARG A 597 1.81 2.32 22.67
CA ARG A 597 1.36 1.35 23.67
C ARG A 597 -0.11 1.52 24.03
N ARG A 598 -0.48 2.72 24.48
CA ARG A 598 -1.85 3.02 24.86
C ARG A 598 -2.83 2.72 23.72
N GLU A 599 -2.49 3.13 22.50
CA GLU A 599 -3.36 2.90 21.36
C GLU A 599 -3.56 1.43 21.07
N LEU A 600 -2.48 0.64 21.18
CA LEU A 600 -2.57 -0.77 20.91
C LEU A 600 -3.51 -1.42 21.94
N MET A 601 -3.31 -1.12 23.21
CA MET A 601 -4.17 -1.70 24.23
C MET A 601 -5.61 -1.27 23.97
N ASN A 602 -5.78 0.01 23.67
CA ASN A 602 -7.11 0.54 23.41
C ASN A 602 -7.76 -0.09 22.19
N TYR A 603 -6.95 -0.54 21.23
CA TYR A 603 -7.52 -1.17 20.03
C TYR A 603 -8.11 -2.51 20.43
N VAL A 604 -7.48 -3.18 21.40
CA VAL A 604 -7.96 -4.47 21.83
C VAL A 604 -9.28 -4.26 22.55
N ALA A 605 -9.30 -3.29 23.46
CA ALA A 605 -10.52 -2.97 24.21
C ALA A 605 -11.71 -2.70 23.29
N LYS A 606 -11.50 -1.90 22.25
CA LYS A 606 -12.55 -1.56 21.31
C LYS A 606 -12.84 -2.54 20.17
N VAL A 607 -11.86 -3.34 19.75
CA VAL A 607 -12.13 -4.23 18.63
C VAL A 607 -13.36 -5.09 18.86
N ARG A 608 -14.13 -5.29 17.80
CA ARG A 608 -15.38 -6.05 17.89
C ARG A 608 -15.64 -6.84 16.60
N PRO A 609 -16.04 -8.12 16.74
CA PRO A 609 -16.25 -8.80 18.02
C PRO A 609 -14.96 -9.11 18.73
N ARG A 610 -15.03 -9.28 20.05
CA ARG A 610 -13.85 -9.58 20.87
C ARG A 610 -13.32 -10.94 20.41
N PRO A 611 -12.05 -11.00 20.02
CA PRO A 611 -11.40 -12.23 19.55
C PRO A 611 -11.12 -13.30 20.62
N GLU A 612 -11.05 -14.56 20.18
CA GLU A 612 -10.76 -15.67 21.10
C GLU A 612 -9.28 -15.66 21.44
N ARG A 613 -8.45 -15.31 20.47
CA ARG A 613 -7.02 -15.25 20.72
C ARG A 613 -6.36 -14.14 19.92
N ILE A 614 -5.36 -13.52 20.52
CA ILE A 614 -4.62 -12.46 19.87
C ILE A 614 -3.15 -12.89 19.73
N ILE A 615 -2.59 -12.66 18.56
CA ILE A 615 -1.19 -13.02 18.31
C ILE A 615 -0.43 -11.74 18.01
N THR A 616 0.50 -11.38 18.88
CA THR A 616 1.29 -10.18 18.70
C THR A 616 2.56 -10.44 17.89
N VAL A 617 2.79 -9.58 16.90
CA VAL A 617 3.94 -9.70 16.03
C VAL A 617 4.49 -8.32 15.68
N HIS A 618 5.43 -8.30 14.74
CA HIS A 618 6.04 -7.06 14.25
C HIS A 618 6.45 -6.10 15.36
N GLY A 619 7.47 -6.50 16.12
CA GLY A 619 7.98 -5.67 17.20
C GLY A 619 9.23 -6.33 17.75
N GLU A 620 10.07 -5.57 18.44
CA GLU A 620 11.25 -6.19 19.02
C GLU A 620 10.72 -7.34 19.89
N PRO A 621 11.54 -8.38 20.09
CA PRO A 621 11.12 -9.53 20.91
C PRO A 621 10.45 -9.19 22.24
N GLN A 622 11.09 -8.34 23.06
CA GLN A 622 10.53 -7.99 24.36
C GLN A 622 9.14 -7.38 24.20
N LYS A 623 9.04 -6.46 23.26
CA LYS A 623 7.80 -5.77 22.98
C LYS A 623 6.64 -6.68 22.57
N CYS A 624 6.88 -7.71 21.77
CA CYS A 624 5.79 -8.60 21.38
C CYS A 624 5.35 -9.36 22.61
N LEU A 625 6.34 -9.78 23.39
CA LEU A 625 6.12 -10.52 24.61
C LEU A 625 5.30 -9.67 25.58
N ASP A 626 5.81 -8.47 25.83
CA ASP A 626 5.21 -7.50 26.73
C ASP A 626 3.73 -7.23 26.39
N LEU A 627 3.46 -6.84 25.15
CA LEU A 627 2.10 -6.57 24.72
C LEU A 627 1.21 -7.79 24.94
N ALA A 628 1.66 -8.95 24.50
CA ALA A 628 0.92 -10.20 24.62
C ALA A 628 0.59 -10.49 26.08
N THR A 629 1.61 -10.43 26.93
CA THR A 629 1.44 -10.69 28.35
C THR A 629 0.48 -9.66 28.93
N SER A 630 0.68 -8.39 28.55
CA SER A 630 -0.15 -7.30 29.03
C SER A 630 -1.62 -7.45 28.64
N ILE A 631 -1.90 -7.79 27.38
CA ILE A 631 -3.28 -7.95 26.93
C ILE A 631 -3.97 -9.02 27.75
N HIS A 632 -3.32 -10.17 27.90
CA HIS A 632 -3.89 -11.27 28.66
C HIS A 632 -4.25 -10.89 30.09
N ARG A 633 -3.31 -10.24 30.75
CA ARG A 633 -3.48 -9.83 32.13
C ARG A 633 -4.62 -8.82 32.31
N LYS A 634 -4.78 -7.91 31.35
CA LYS A 634 -5.82 -6.89 31.47
C LYS A 634 -7.16 -7.26 30.86
N PHE A 635 -7.17 -8.14 29.87
CA PHE A 635 -8.43 -8.51 29.24
C PHE A 635 -8.77 -9.98 29.42
N GLY A 636 -7.78 -10.77 29.81
CA GLY A 636 -8.01 -12.18 30.00
C GLY A 636 -8.15 -12.91 28.67
N ILE A 637 -7.70 -12.28 27.59
CA ILE A 637 -7.78 -12.89 26.27
C ILE A 637 -6.53 -13.77 26.01
N SER A 638 -6.71 -14.95 25.41
CA SER A 638 -5.58 -15.82 25.10
C SER A 638 -4.64 -15.10 24.15
N THR A 639 -3.38 -14.97 24.53
CA THR A 639 -2.44 -14.28 23.67
C THR A 639 -1.14 -15.07 23.45
N ARG A 640 -0.40 -14.69 22.42
CA ARG A 640 0.88 -15.32 22.15
C ARG A 640 1.74 -14.50 21.21
N ALA A 641 3.04 -14.52 21.48
CA ALA A 641 4.04 -13.81 20.68
C ALA A 641 4.96 -14.87 20.07
N PRO A 642 4.51 -15.51 18.98
CA PRO A 642 5.24 -16.54 18.27
C PRO A 642 6.54 -16.09 17.63
N ASN A 643 7.44 -17.05 17.39
CA ASN A 643 8.72 -16.80 16.74
C ASN A 643 8.54 -17.18 15.27
N ASN A 644 9.42 -16.71 14.38
CA ASN A 644 9.29 -17.11 12.99
C ASN A 644 9.47 -18.64 12.98
N LEU A 645 8.79 -19.32 12.07
CA LEU A 645 8.87 -20.77 11.94
C LEU A 645 8.03 -21.50 12.98
N ASP A 646 7.31 -20.74 13.80
CA ASP A 646 6.38 -21.32 14.75
C ASP A 646 5.13 -21.45 13.88
N THR A 647 4.33 -22.49 14.09
CA THR A 647 3.08 -22.62 13.34
C THR A 647 1.97 -22.82 14.37
N ILE A 648 0.95 -21.98 14.29
CA ILE A 648 -0.17 -22.08 15.22
C ILE A 648 -1.42 -22.59 14.53
N ARG A 649 -1.85 -23.78 14.95
CA ARG A 649 -3.04 -24.41 14.41
C ARG A 649 -4.22 -23.65 15.02
N LEU A 650 -4.97 -22.92 14.20
CA LEU A 650 -6.10 -22.14 14.68
C LEU A 650 -7.36 -22.97 14.89
N ARG A 651 -7.39 -24.15 14.27
CA ARG A 651 -8.51 -25.06 14.42
C ARG A 651 -8.34 -26.27 13.50
O3' SSU B 1 -22.83 -1.26 -3.87
O2' SSU B 2 -25.04 -7.63 -6.01
C2' SSU B 2 -23.93 -6.79 -6.19
C1' SSU B 2 -24.36 -5.59 -7.04
O4' SSU B 2 -24.66 -4.52 -6.17
C4' SSU B 2 -24.52 -4.98 -4.80
C5' SSU B 2 -24.08 -3.83 -3.94
O5' SSU B 2 -24.83 -2.64 -4.27
P SSU B 2 -24.34 -1.18 -3.75
S1P SSU B 2 -25.14 0.37 -4.60
OP2 SSU B 2 -24.53 -1.28 -2.23
C3' SSU B 2 -23.53 -6.12 -4.89
O3' SSU B 2 -23.70 -7.01 -3.78
N1 SSU B 2 -23.40 -5.12 -8.06
C6 SSU B 2 -23.05 -3.79 -8.14
C5 SSU B 2 -22.23 -3.31 -9.08
C4 SSU B 2 -21.66 -4.21 -10.04
O4 SSU B 2 -20.90 -3.90 -10.97
N3 SSU B 2 -22.03 -5.53 -9.89
C2 SSU B 2 -22.87 -6.05 -8.94
O2 SSU B 2 -23.12 -7.24 -8.87
O2' SSU B 3 -23.10 -13.57 -0.44
C2' SSU B 3 -22.24 -12.47 -0.66
C1' SSU B 3 -21.76 -12.56 -2.11
O4' SSU B 3 -22.50 -11.64 -2.89
C4' SSU B 3 -23.52 -11.03 -2.08
C5' SSU B 3 -23.75 -9.62 -2.59
O5' SSU B 3 -22.50 -8.93 -2.65
P SSU B 3 -22.45 -7.35 -2.83
S1P SSU B 3 -22.73 -6.49 -1.12
OP2 SSU B 3 -21.21 -7.01 -3.58
C3' SSU B 3 -23.02 -11.14 -0.66
O3' SSU B 3 -24.17 -11.24 0.19
N1 SSU B 3 -20.32 -12.41 -2.43
C6 SSU B 3 -19.90 -11.44 -3.29
C5 SSU B 3 -18.63 -11.35 -3.71
C4 SSU B 3 -17.67 -12.30 -3.26
O4 SSU B 3 -16.53 -12.44 -3.71
N3 SSU B 3 -18.15 -13.21 -2.34
C2 SSU B 3 -19.43 -13.32 -1.88
O2 SSU B 3 -19.75 -14.15 -1.04
O2' SSU B 4 -21.46 -16.42 3.49
C2' SSU B 4 -21.57 -15.07 3.89
C1' SSU B 4 -20.91 -14.16 2.83
O4' SSU B 4 -21.94 -13.75 1.94
C4' SSU B 4 -23.23 -14.26 2.41
C5' SSU B 4 -24.30 -13.24 2.09
O5' SSU B 4 -23.93 -11.96 2.58
P SSU B 4 -24.13 -10.66 1.69
S1P SSU B 4 -25.87 -9.88 2.02
OP2 SSU B 4 -22.94 -9.77 1.82
C3' SSU B 4 -23.00 -14.55 3.88
O3' SSU B 4 -23.91 -15.56 4.33
N1 SSU B 4 -20.29 -12.96 3.40
C6 SSU B 4 -20.95 -11.76 3.45
C5 SSU B 4 -20.41 -10.65 3.96
C4 SSU B 4 -19.08 -10.69 4.49
O4 SSU B 4 -18.48 -9.75 5.00
N3 SSU B 4 -18.47 -11.93 4.42
C2 SSU B 4 -18.99 -13.08 3.89
O2 SSU B 4 -18.38 -14.13 3.86
O2' SSU B 5 -20.64 -17.40 11.02
C2' SSU B 5 -21.01 -16.40 10.07
C1' SSU B 5 -20.08 -16.50 8.86
O4' SSU B 5 -20.82 -16.97 7.75
C4' SSU B 5 -22.10 -17.45 8.23
C5' SSU B 5 -23.11 -17.34 7.11
O5' SSU B 5 -23.25 -15.98 6.71
P SSU B 5 -24.48 -15.50 5.82
S1P SSU B 5 -25.94 -16.78 5.91
OP2 SSU B 5 -24.78 -14.09 6.16
C3' SSU B 5 -22.39 -16.60 9.45
O3' SSU B 5 -23.34 -17.20 10.34
N1 SSU B 5 -19.37 -15.26 8.48
C6 SSU B 5 -19.85 -14.42 7.50
C5 SSU B 5 -19.19 -13.32 7.13
C4 SSU B 5 -17.95 -12.98 7.76
O4 SSU B 5 -17.21 -12.03 7.45
N3 SSU B 5 -17.55 -13.85 8.74
C2 SSU B 5 -18.20 -14.99 9.15
O2 SSU B 5 -17.76 -15.70 10.03
O5' SSU B 6 -24.55 -19.32 10.64
P SSU B 6 -23.15 -18.76 10.83
S1P SSU B 6 -22.53 -18.80 12.67
OP2 SSU B 6 -22.39 -19.54 9.82
O2' SSU C 1 -0.51 -14.27 30.31
C2' SSU C 1 -0.35 -15.44 29.55
C1' SSU C 1 -1.17 -15.33 28.26
O4' SSU C 1 -0.30 -14.87 27.24
C4' SSU C 1 1.01 -14.59 27.82
C5' SSU C 1 2.08 -14.75 26.77
O5' SSU C 1 2.07 -16.03 26.14
C3' SSU C 1 1.07 -15.54 29.01
O3' SSU C 1 2.01 -15.10 29.97
N1 SSU C 1 -1.85 -16.55 27.82
C6 SSU C 1 -1.90 -16.92 26.49
C5 SSU C 1 -2.54 -18.02 26.06
C4 SSU C 1 -3.21 -18.87 27.00
O4 SSU C 1 -3.82 -19.91 26.73
N3 SSU C 1 -3.12 -18.45 28.30
C2 SSU C 1 -2.47 -17.34 28.78
O2 SSU C 1 -2.44 -17.06 29.97
O5' SSU C 2 1.88 -17.21 31.27
P SSU C 2 1.97 -15.71 31.50
S1P SSU C 2 3.58 -15.10 32.39
OP2 SSU C 2 0.66 -15.44 32.15
S SO4 D . 14.32 -16.09 12.37
O1 SO4 D . 15.55 -16.82 12.00
O2 SO4 D . 13.74 -15.49 11.17
O3 SO4 D . 13.37 -17.03 12.97
O4 SO4 D . 14.64 -15.04 13.35
S SO4 E . -1.79 -29.68 1.36
O1 SO4 E . -2.81 -30.72 1.22
O2 SO4 E . -2.43 -28.43 1.79
O3 SO4 E . -0.79 -30.10 2.36
O4 SO4 E . -1.12 -29.47 0.06
S SO4 F . -9.87 6.10 5.29
O1 SO4 F . -9.85 4.64 5.20
O2 SO4 F . -10.85 6.50 6.32
O3 SO4 F . -8.54 6.60 5.66
O4 SO4 F . -10.27 6.65 3.98
S SO4 G . 8.19 0.39 10.76
O1 SO4 G . 9.41 0.21 9.95
O2 SO4 G . 7.11 -0.43 10.17
O3 SO4 G . 8.45 -0.06 12.13
O4 SO4 G . 7.79 1.79 10.75
S SO4 H . -13.07 3.55 -0.74
O1 SO4 H . -13.03 2.08 -0.76
O2 SO4 H . -14.39 4.00 -0.26
O3 SO4 H . -12.02 4.06 0.15
O4 SO4 H . -12.86 4.06 -2.10
ZN ZN I . 4.85 0.79 7.42
ZN ZN J . 6.30 -2.49 8.88
#